data_7H78
#
_entry.id   7H78
#
_cell.length_a   87.256
_cell.length_b   87.256
_cell.length_c   85.631
_cell.angle_alpha   90.00
_cell.angle_beta   90.00
_cell.angle_gamma   120.00
#
_symmetry.space_group_name_H-M   'P 31'
#
loop_
_entity.id
_entity.type
_entity.pdbx_description
1 polymer 'Non-structural protein 3'
2 non-polymer 'DIMETHYL SULFOXIDE'
3 non-polymer 2-AMINO-2-HYDROXYMETHYL-PROPANE-1,3-DIOL
4 non-polymer 'CHLORIDE ION'
5 non-polymer N~2~-(4-cyano-3-methyl-1,2-thiazol-5-yl)-N~2~-methylglycinamide
6 water water
#
_entity_poly.entity_id   1
_entity_poly.type   'polypeptide(L)'
_entity_poly.pdbx_seq_one_letter_code
;GAMAPSYRVKRMDIAKNDEECVVNAANPRGLPGDGVCKAVYKKWPESFKNSATPVGTAKTVMCGTYPVIHAVGPNFSNYT
ESEGDRELAAAYREVAKEVTRLGVNSVAIPLLSTGVYSGGKDRLTQSLNHLFTAMDSTDADVVIYCRDKEWEKKISEAIQ
MRT
;
_entity_poly.pdbx_strand_id   A,B,C,D
#
loop_
_chem_comp.id
_chem_comp.type
_chem_comp.name
_chem_comp.formula
CL non-polymer 'CHLORIDE ION' 'Cl -1'
DMS non-polymer 'DIMETHYL SULFOXIDE' 'C2 H6 O S'
LRF non-polymer N~2~-(4-cyano-3-methyl-1,2-thiazol-5-yl)-N~2~-methylglycinamide 'C8 H10 N4 O S'
TRS non-polymer 2-AMINO-2-HYDROXYMETHYL-PROPANE-1,3-DIOL 'C4 H12 N O3 1'
#
# COMPACT_ATOMS: atom_id res chain seq x y z
N GLY A 1 22.67 -8.65 0.79
CA GLY A 1 23.46 -7.78 1.72
C GLY A 1 23.72 -6.40 1.12
N ALA A 2 24.05 -5.40 1.95
CA ALA A 2 24.46 -4.06 1.46
C ALA A 2 25.87 -4.16 0.90
N MET A 3 26.18 -3.31 -0.09
CA MET A 3 27.51 -3.21 -0.78
C MET A 3 28.62 -3.02 0.27
N ALA A 4 28.38 -2.12 1.22
CA ALA A 4 29.35 -1.66 2.25
C ALA A 4 28.57 -1.43 3.54
N PRO A 5 28.16 -2.53 4.20
CA PRO A 5 27.27 -2.42 5.37
C PRO A 5 27.69 -1.32 6.35
N SER A 6 26.74 -0.46 6.79
CA SER A 6 27.03 0.75 7.57
C SER A 6 26.05 0.82 8.73
N TYR A 7 26.38 1.67 9.70
CA TYR A 7 25.46 2.18 10.73
C TYR A 7 25.24 3.66 10.50
N ARG A 8 23.99 4.10 10.63
CA ARG A 8 23.62 5.52 10.58
C ARG A 8 22.62 5.79 11.70
N VAL A 9 22.47 7.06 12.05
CA VAL A 9 21.46 7.49 13.04
C VAL A 9 20.65 8.65 12.45
N LYS A 10 19.33 8.58 12.61
CA LYS A 10 18.42 9.70 12.28
C LYS A 10 17.50 10.04 13.44
N ARG A 11 17.23 11.33 13.60
CA ARG A 11 16.34 11.84 14.63
C ARG A 11 15.01 12.18 13.95
N MET A 12 14.09 11.22 13.99
CA MET A 12 12.77 11.34 13.34
C MET A 12 11.94 10.11 13.72
N ASP A 13 10.67 10.17 13.39
CA ASP A 13 9.69 9.08 13.60
C ASP A 13 10.07 7.86 12.75
N ILE A 14 10.32 6.73 13.41
CA ILE A 14 10.69 5.42 12.75
C ILE A 14 9.55 4.99 11.80
N ALA A 15 8.30 5.42 12.01
CA ALA A 15 7.19 5.17 11.05
C ALA A 15 7.41 5.78 9.66
N LYS A 16 8.34 6.74 9.49
CA LYS A 16 8.70 7.38 8.20
C LYS A 16 10.07 6.86 7.73
N ASN A 17 10.50 5.67 8.17
CA ASN A 17 11.83 5.14 7.76
C ASN A 17 11.89 4.90 6.24
N ASP A 18 13.12 4.87 5.75
CA ASP A 18 13.48 4.59 4.35
C ASP A 18 14.22 3.25 4.23
N GLU A 19 13.91 2.29 5.10
CA GLU A 19 14.59 0.96 5.10
C GLU A 19 13.62 -0.15 4.65
N GLU A 20 14.15 -1.35 4.45
CA GLU A 20 13.40 -2.50 3.86
C GLU A 20 12.59 -3.23 4.93
N CYS A 21 12.80 -2.90 6.19
CA CYS A 21 12.01 -3.45 7.31
C CYS A 21 12.23 -2.61 8.56
N VAL A 22 11.35 -2.80 9.52
CA VAL A 22 11.34 -2.00 10.76
C VAL A 22 11.36 -2.94 11.96
N VAL A 23 12.05 -2.54 13.02
CA VAL A 23 11.95 -3.21 14.34
C VAL A 23 11.03 -2.35 15.21
N ASN A 24 10.02 -2.99 15.74
CA ASN A 24 9.11 -2.36 16.73
C ASN A 24 9.68 -2.62 18.14
N ALA A 25 9.69 -1.59 18.96
CA ALA A 25 9.92 -1.74 20.41
C ALA A 25 8.61 -2.18 21.07
N ALA A 26 8.28 -3.46 20.93
CA ALA A 26 6.96 -4.05 21.24
C ALA A 26 6.80 -4.31 22.75
N ASN A 27 5.54 -4.49 23.15
CA ASN A 27 5.21 -5.12 24.45
C ASN A 27 4.96 -6.60 24.22
N PRO A 28 5.06 -7.43 25.27
CA PRO A 28 4.90 -8.88 25.12
C PRO A 28 3.51 -9.32 24.65
N ARG A 29 2.51 -8.45 24.74
CA ARG A 29 1.11 -8.83 24.47
C ARG A 29 0.61 -8.43 23.10
N GLY A 30 1.46 -7.85 22.27
CA GLY A 30 1.04 -7.38 20.95
C GLY A 30 0.00 -6.29 21.02
N LEU A 31 0.02 -5.45 22.07
CA LEU A 31 -0.96 -4.34 22.23
C LEU A 31 -0.42 -3.09 21.57
N PRO A 32 -1.28 -2.14 21.16
CA PRO A 32 -0.82 -0.89 20.57
C PRO A 32 0.23 -0.13 21.38
N GLY A 33 0.13 -0.12 22.71
CA GLY A 33 1.22 0.44 23.53
C GLY A 33 1.33 1.95 23.42
N ASP A 34 2.53 2.47 23.71
CA ASP A 34 2.88 3.92 23.73
C ASP A 34 4.16 4.17 22.92
N GLY A 35 4.47 5.43 22.65
CA GLY A 35 5.78 5.82 22.09
C GLY A 35 6.04 5.16 20.73
N VAL A 36 7.21 4.55 20.51
CA VAL A 36 7.54 3.88 19.21
C VAL A 36 6.43 2.87 18.87
N CYS A 37 6.00 2.06 19.83
CA CYS A 37 5.00 0.97 19.56
C CYS A 37 3.68 1.54 19.01
N LYS A 38 3.21 2.67 19.54
CA LYS A 38 1.95 3.30 19.05
C LYS A 38 2.16 3.88 17.63
N ALA A 39 3.32 4.44 17.33
CA ALA A 39 3.61 4.99 15.98
C ALA A 39 3.56 3.83 14.98
N VAL A 40 4.14 2.70 15.39
CA VAL A 40 4.21 1.47 14.55
C VAL A 40 2.80 0.93 14.37
N TYR A 41 1.97 0.95 15.43
CA TYR A 41 0.57 0.47 15.34
C TYR A 41 -0.23 1.34 14.35
N LYS A 42 -0.05 2.66 14.38
CA LYS A 42 -0.77 3.57 13.45
C LYS A 42 -0.36 3.30 11.99
N LYS A 43 0.91 2.99 11.77
CA LYS A 43 1.48 2.89 10.40
C LYS A 43 1.22 1.50 9.81
N TRP A 44 1.38 0.44 10.60
CA TRP A 44 1.34 -0.97 10.17
C TRP A 44 0.42 -1.79 11.08
N PRO A 45 -0.87 -1.41 11.27
CA PRO A 45 -1.71 -2.11 12.24
C PRO A 45 -1.91 -3.60 11.94
N GLU A 46 -1.87 -3.96 10.65
CA GLU A 46 -2.01 -5.36 10.20
C GLU A 46 -0.89 -6.26 10.77
N SER A 47 0.26 -5.66 11.11
CA SER A 47 1.44 -6.41 11.63
C SER A 47 1.20 -6.85 13.07
N PHE A 48 0.11 -6.43 13.71
CA PHE A 48 -0.16 -6.77 15.14
C PHE A 48 -1.04 -8.01 15.29
N LYS A 49 -1.38 -8.65 14.17
CA LYS A 49 -2.04 -9.99 14.15
C LYS A 49 -1.10 -11.04 14.75
N ASN A 50 -1.43 -11.59 15.92
CA ASN A 50 -0.62 -12.66 16.56
C ASN A 50 0.86 -12.24 16.68
N SER A 51 1.08 -11.01 17.11
CA SER A 51 2.45 -10.48 17.36
C SER A 51 2.91 -10.68 18.81
N ALA A 52 2.06 -11.12 19.74
CA ALA A 52 2.49 -11.35 21.14
C ALA A 52 3.64 -12.35 21.17
N THR A 53 4.65 -12.09 21.99
CA THR A 53 5.89 -12.90 22.08
C THR A 53 6.54 -12.56 23.41
N PRO A 54 7.30 -13.47 24.01
CA PRO A 54 7.87 -13.21 25.34
C PRO A 54 8.97 -12.16 25.35
N VAL A 55 9.33 -11.74 26.55
CA VAL A 55 10.48 -10.82 26.73
C VAL A 55 11.76 -11.51 26.21
N GLY A 56 12.63 -10.75 25.54
CA GLY A 56 13.92 -11.30 25.05
C GLY A 56 13.80 -12.01 23.72
N THR A 57 12.65 -11.92 23.05
CA THR A 57 12.37 -12.54 21.73
C THR A 57 11.93 -11.49 20.72
N ALA A 58 11.96 -11.89 19.47
CA ALA A 58 11.43 -11.09 18.37
C ALA A 58 10.56 -12.00 17.51
N LYS A 59 9.46 -11.44 17.04
CA LYS A 59 8.50 -12.15 16.17
C LYS A 59 8.19 -11.22 15.00
N THR A 60 8.37 -11.71 13.77
CA THR A 60 8.09 -10.91 12.56
C THR A 60 6.67 -11.19 12.07
N VAL A 61 5.94 -10.15 11.74
CA VAL A 61 4.63 -10.21 11.08
C VAL A 61 4.67 -9.26 9.89
N MET A 62 4.23 -9.74 8.73
N MET A 62 4.26 -9.75 8.72
CA MET A 62 4.20 -8.96 7.47
CA MET A 62 4.22 -8.95 7.47
C MET A 62 3.03 -7.97 7.49
C MET A 62 3.04 -7.96 7.52
N CYS A 63 3.26 -6.76 7.01
CA CYS A 63 2.19 -5.79 6.66
C CYS A 63 2.27 -5.67 5.14
N GLY A 64 1.40 -6.36 4.39
CA GLY A 64 1.62 -6.52 2.95
C GLY A 64 2.87 -7.32 2.71
N THR A 65 3.89 -6.79 2.05
CA THR A 65 5.21 -7.45 1.95
C THR A 65 6.26 -6.77 2.84
N TYR A 66 5.87 -5.82 3.68
CA TYR A 66 6.84 -5.04 4.50
C TYR A 66 6.98 -5.72 5.89
N PRO A 67 8.16 -6.24 6.27
CA PRO A 67 8.31 -6.97 7.54
C PRO A 67 8.42 -6.05 8.75
N VAL A 68 7.57 -6.31 9.75
CA VAL A 68 7.64 -5.64 11.06
C VAL A 68 8.16 -6.67 12.06
N ILE A 69 9.35 -6.42 12.63
CA ILE A 69 10.01 -7.34 13.56
C ILE A 69 9.66 -6.81 14.96
N HIS A 70 8.75 -7.46 15.66
CA HIS A 70 8.35 -7.10 17.04
C HIS A 70 9.36 -7.63 18.03
N ALA A 71 10.18 -6.75 18.61
CA ALA A 71 11.27 -7.10 19.54
C ALA A 71 10.87 -6.61 20.93
N VAL A 72 10.88 -7.53 21.90
CA VAL A 72 10.35 -7.28 23.27
C VAL A 72 11.53 -7.16 24.24
N GLY A 73 11.91 -5.93 24.53
CA GLY A 73 12.91 -5.62 25.56
C GLY A 73 12.29 -5.74 26.95
N PRO A 74 13.11 -5.97 27.96
CA PRO A 74 12.66 -6.01 29.36
C PRO A 74 12.25 -4.61 29.85
N ASN A 75 11.27 -4.60 30.76
CA ASN A 75 10.91 -3.39 31.52
C ASN A 75 11.75 -3.42 32.80
N PHE A 76 12.69 -2.52 32.93
CA PHE A 76 13.67 -2.46 34.04
C PHE A 76 12.97 -2.05 35.35
N SER A 77 11.71 -1.64 35.29
CA SER A 77 10.89 -1.52 36.54
C SER A 77 10.68 -2.91 37.19
N ASN A 78 10.67 -3.98 36.41
CA ASN A 78 10.27 -5.32 36.92
C ASN A 78 11.45 -6.26 37.04
N TYR A 79 12.40 -6.15 36.11
CA TYR A 79 13.61 -6.99 36.08
C TYR A 79 14.66 -6.37 37.01
N THR A 80 15.50 -7.21 37.59
CA THR A 80 16.80 -6.79 38.20
C THR A 80 17.71 -6.24 37.10
N GLU A 81 18.68 -5.40 37.45
CA GLU A 81 19.67 -4.90 36.45
C GLU A 81 20.31 -6.07 35.71
N SER A 82 20.68 -7.12 36.43
CA SER A 82 21.38 -8.31 35.89
C SER A 82 20.46 -9.06 34.90
N GLU A 83 19.24 -9.39 35.32
CA GLU A 83 18.34 -10.20 34.45
C GLU A 83 17.87 -9.34 33.28
N GLY A 84 17.65 -8.05 33.51
CA GLY A 84 17.25 -7.08 32.47
C GLY A 84 18.31 -6.99 31.39
N ASP A 85 19.55 -6.86 31.80
CA ASP A 85 20.69 -6.78 30.85
C ASP A 85 20.71 -8.03 29.98
N ARG A 86 20.56 -9.22 30.56
CA ARG A 86 20.55 -10.51 29.83
C ARG A 86 19.41 -10.52 28.80
N GLU A 87 18.21 -10.07 29.19
CA GLU A 87 17.02 -10.13 28.30
C GLU A 87 17.19 -9.09 27.18
N LEU A 88 17.78 -7.93 27.48
CA LEU A 88 17.95 -6.85 26.50
C LEU A 88 18.96 -7.34 25.42
N ALA A 89 20.07 -7.93 25.84
CA ALA A 89 21.04 -8.57 24.92
C ALA A 89 20.33 -9.62 24.05
N ALA A 90 19.50 -10.48 24.64
CA ALA A 90 18.82 -11.57 23.92
C ALA A 90 17.84 -11.00 22.87
N ALA A 91 17.07 -9.96 23.18
CA ALA A 91 16.10 -9.39 22.23
C ALA A 91 16.86 -8.97 20.95
N TYR A 92 17.99 -8.30 21.10
CA TYR A 92 18.76 -7.86 19.92
C TYR A 92 19.36 -9.05 19.17
N ARG A 93 19.83 -10.12 19.87
CA ARG A 93 20.30 -11.33 19.14
C ARG A 93 19.15 -11.88 18.28
N GLU A 94 17.90 -11.94 18.79
CA GLU A 94 16.76 -12.49 18.01
C GLU A 94 16.47 -11.52 16.85
N VAL A 95 16.65 -10.21 16.99
CA VAL A 95 16.44 -9.27 15.86
C VAL A 95 17.46 -9.60 14.76
N ALA A 96 18.72 -9.81 15.12
CA ALA A 96 19.76 -10.12 14.09
C ALA A 96 19.38 -11.39 13.32
N LYS A 97 18.86 -12.44 13.99
CA LYS A 97 18.40 -13.69 13.35
C LYS A 97 17.28 -13.36 12.36
N GLU A 98 16.32 -12.54 12.74
CA GLU A 98 15.17 -12.24 11.88
C GLU A 98 15.62 -11.45 10.66
N VAL A 99 16.44 -10.43 10.86
CA VAL A 99 16.97 -9.57 9.78
C VAL A 99 17.68 -10.49 8.77
N THR A 100 18.48 -11.43 9.28
CA THR A 100 19.22 -12.38 8.38
C THR A 100 18.24 -13.24 7.59
N ARG A 101 17.28 -13.85 8.27
CA ARG A 101 16.28 -14.78 7.68
C ARG A 101 15.51 -14.06 6.56
N LEU A 102 15.17 -12.79 6.73
CA LEU A 102 14.28 -12.04 5.81
C LEU A 102 15.06 -11.68 4.53
N GLY A 103 16.39 -11.63 4.60
CA GLY A 103 17.22 -11.35 3.41
C GLY A 103 17.17 -9.89 3.03
N VAL A 104 16.77 -8.99 3.95
CA VAL A 104 16.72 -7.52 3.69
C VAL A 104 18.13 -6.93 3.58
N ASN A 105 18.25 -5.83 2.84
CA ASN A 105 19.52 -5.08 2.71
C ASN A 105 19.58 -3.94 3.71
N SER A 106 18.49 -3.66 4.43
CA SER A 106 18.48 -2.51 5.39
C SER A 106 17.39 -2.73 6.44
N VAL A 107 17.56 -2.13 7.60
CA VAL A 107 16.61 -2.26 8.74
C VAL A 107 16.63 -0.96 9.54
N ALA A 108 15.44 -0.49 9.94
CA ALA A 108 15.23 0.67 10.84
C ALA A 108 15.07 0.08 12.25
N ILE A 109 15.83 0.60 13.22
N ILE A 109 15.88 0.55 13.20
CA ILE A 109 15.83 0.01 14.59
CA ILE A 109 15.88 0.00 14.60
C ILE A 109 15.86 1.10 15.66
C ILE A 109 15.78 1.15 15.60
N PRO A 110 14.94 1.02 16.66
CA PRO A 110 14.98 1.90 17.82
C PRO A 110 15.88 1.33 18.91
N LEU A 111 16.23 2.14 19.92
CA LEU A 111 17.03 1.60 21.06
C LEU A 111 16.07 0.99 22.09
N LEU A 112 16.08 -0.34 22.18
CA LEU A 112 15.15 -1.10 23.03
C LEU A 112 15.39 -0.73 24.49
N SER A 113 14.29 -0.69 25.27
CA SER A 113 14.31 -0.47 26.74
C SER A 113 14.89 0.91 27.14
N THR A 114 14.84 1.91 26.29
CA THR A 114 15.39 3.26 26.63
C THR A 114 14.29 4.26 26.99
N GLY A 115 13.02 3.91 26.75
CA GLY A 115 11.86 4.79 26.99
C GLY A 115 11.15 4.41 28.28
N VAL A 116 9.87 4.08 28.19
CA VAL A 116 9.05 3.73 29.38
C VAL A 116 9.51 2.40 30.00
N TYR A 117 10.35 1.59 29.35
CA TYR A 117 10.89 0.35 29.94
C TYR A 117 12.26 0.57 30.59
N SER A 118 12.73 1.82 30.68
CA SER A 118 14.10 2.14 31.17
C SER A 118 14.19 2.06 32.70
N GLY A 119 13.07 1.96 33.40
CA GLY A 119 13.05 2.08 34.88
C GLY A 119 13.69 3.39 35.35
N GLY A 120 13.52 4.46 34.56
CA GLY A 120 13.92 5.83 34.89
C GLY A 120 15.42 6.12 34.81
N LYS A 121 16.19 5.25 34.12
CA LYS A 121 17.66 5.40 33.98
C LYS A 121 17.98 5.69 32.51
N ASP A 122 19.12 6.36 32.28
CA ASP A 122 19.65 6.59 30.92
C ASP A 122 20.35 5.30 30.50
N ARG A 123 19.83 4.63 29.46
CA ARG A 123 20.37 3.32 29.00
C ARG A 123 20.81 3.43 27.53
N LEU A 124 21.14 4.65 27.07
CA LEU A 124 21.63 4.83 25.68
C LEU A 124 22.79 3.87 25.42
N THR A 125 23.87 3.95 26.18
CA THR A 125 25.12 3.18 25.95
C THR A 125 24.83 1.69 26.09
N GLN A 126 24.11 1.29 27.12
CA GLN A 126 23.81 -0.14 27.42
C GLN A 126 23.07 -0.73 26.20
N SER A 127 22.02 -0.06 25.77
CA SER A 127 21.12 -0.56 24.70
C SER A 127 21.87 -0.55 23.36
N LEU A 128 22.59 0.55 23.07
CA LEU A 128 23.36 0.68 21.81
C LEU A 128 24.44 -0.41 21.74
N ASN A 129 25.15 -0.70 22.83
CA ASN A 129 26.24 -1.70 22.79
C ASN A 129 25.63 -3.07 22.54
N HIS A 130 24.46 -3.38 23.09
CA HIS A 130 23.84 -4.69 22.78
C HIS A 130 23.38 -4.75 21.31
N LEU A 131 22.92 -3.64 20.79
CA LEU A 131 22.52 -3.54 19.36
C LEU A 131 23.78 -3.87 18.53
N PHE A 132 24.89 -3.22 18.83
CA PHE A 132 26.14 -3.49 18.06
C PHE A 132 26.56 -4.95 18.19
N THR A 133 26.57 -5.54 19.40
CA THR A 133 27.00 -6.94 19.58
C THR A 133 26.22 -7.88 18.64
N ALA A 134 24.91 -7.67 18.54
CA ALA A 134 24.01 -8.50 17.73
C ALA A 134 24.19 -8.21 16.25
N MET A 135 24.20 -6.94 15.84
CA MET A 135 24.07 -6.58 14.41
C MET A 135 25.45 -6.57 13.72
N ASP A 136 26.55 -6.56 14.46
CA ASP A 136 27.89 -6.40 13.81
C ASP A 136 28.16 -7.55 12.82
N SER A 137 27.59 -8.73 13.05
CA SER A 137 27.84 -9.90 12.17
C SER A 137 26.84 -9.94 11.01
N THR A 138 25.87 -9.03 10.92
CA THR A 138 24.90 -8.98 9.79
C THR A 138 25.42 -8.02 8.72
N ASP A 139 24.95 -8.14 7.48
CA ASP A 139 25.40 -7.26 6.38
C ASP A 139 24.29 -6.30 5.95
N ALA A 140 23.24 -6.18 6.75
CA ALA A 140 22.21 -5.15 6.47
C ALA A 140 22.74 -3.75 6.84
N ASP A 141 22.42 -2.72 6.06
CA ASP A 141 22.55 -1.33 6.49
C ASP A 141 21.60 -1.10 7.68
N VAL A 142 22.13 -0.65 8.80
CA VAL A 142 21.35 -0.40 10.03
C VAL A 142 21.15 1.11 10.18
N VAL A 143 19.93 1.54 10.33
CA VAL A 143 19.61 2.96 10.60
C VAL A 143 18.88 3.03 11.94
N ILE A 144 19.53 3.64 12.90
CA ILE A 144 19.01 3.77 14.30
C ILE A 144 18.16 5.02 14.32
N TYR A 145 16.99 4.94 14.92
CA TYR A 145 16.04 6.09 15.01
C TYR A 145 15.94 6.52 16.48
N CYS A 146 16.03 7.82 16.75
CA CYS A 146 15.85 8.42 18.10
C CYS A 146 15.08 9.75 17.99
N ARG A 147 14.69 10.33 19.13
CA ARG A 147 13.88 11.57 19.20
C ARG A 147 14.72 12.73 19.75
N ASP A 148 15.60 12.45 20.72
CA ASP A 148 16.33 13.49 21.49
C ASP A 148 17.58 13.95 20.72
N LYS A 149 17.77 15.28 20.60
CA LYS A 149 18.91 15.92 19.89
C LYS A 149 20.25 15.48 20.51
N GLU A 150 20.34 15.43 21.84
CA GLU A 150 21.58 15.03 22.54
C GLU A 150 21.85 13.53 22.31
N TRP A 151 20.80 12.70 22.30
CA TRP A 151 20.94 11.25 21.99
C TRP A 151 21.45 11.10 20.55
N GLU A 152 20.95 11.88 19.60
CA GLU A 152 21.41 11.82 18.19
C GLU A 152 22.94 12.03 18.16
N LYS A 153 23.43 13.05 18.88
CA LYS A 153 24.87 13.40 18.92
C LYS A 153 25.66 12.22 19.52
N LYS A 154 25.22 11.67 20.66
CA LYS A 154 25.94 10.59 21.36
C LYS A 154 25.95 9.31 20.51
N ILE A 155 24.82 8.98 19.87
CA ILE A 155 24.74 7.78 18.99
C ILE A 155 25.68 7.99 17.80
N SER A 156 25.67 9.18 17.21
CA SER A 156 26.54 9.48 16.05
C SER A 156 28.01 9.31 16.46
N GLU A 157 28.39 9.85 17.62
CA GLU A 157 29.79 9.81 18.13
C GLU A 157 30.19 8.34 18.39
N ALA A 158 29.30 7.52 18.94
CA ALA A 158 29.59 6.10 19.22
C ALA A 158 29.81 5.36 17.90
N ILE A 159 29.03 5.70 16.86
CA ILE A 159 29.20 5.03 15.55
C ILE A 159 30.57 5.42 14.98
N GLN A 160 30.87 6.72 15.02
CA GLN A 160 32.10 7.32 14.43
C GLN A 160 33.34 6.77 15.14
N MET A 161 33.27 6.57 16.47
CA MET A 161 34.36 6.05 17.33
C MET A 161 34.93 4.77 16.73
N ARG A 162 34.07 3.86 16.25
CA ARG A 162 34.47 2.52 15.74
C ARG A 162 35.01 2.59 14.28
N THR A 163 34.80 3.70 13.57
CA THR A 163 35.12 3.87 12.12
C THR A 163 36.47 4.60 11.98
N GLY B 1 22.23 19.71 -17.64
CA GLY B 1 20.96 20.34 -18.16
C GLY B 1 20.04 19.32 -18.79
N ALA B 2 18.76 19.68 -18.97
CA ALA B 2 17.78 18.91 -19.75
C ALA B 2 18.12 19.13 -21.22
N MET B 3 17.91 18.18 -22.14
CA MET B 3 18.42 18.35 -23.52
C MET B 3 17.58 19.41 -24.26
N ALA B 4 16.32 19.61 -23.87
CA ALA B 4 15.50 20.76 -24.31
C ALA B 4 14.75 21.33 -23.10
N PRO B 5 15.39 22.21 -22.33
CA PRO B 5 14.81 22.70 -21.08
C PRO B 5 13.36 23.16 -21.27
N SER B 6 12.46 22.73 -20.38
CA SER B 6 11.01 22.98 -20.48
C SER B 6 10.47 23.45 -19.12
N TYR B 7 9.26 24.00 -19.18
CA TYR B 7 8.33 24.19 -18.06
C TYR B 7 7.11 23.27 -18.26
N ARG B 8 6.70 22.60 -17.19
CA ARG B 8 5.47 21.78 -17.16
C ARG B 8 4.73 22.03 -15.84
N VAL B 9 3.41 21.79 -15.84
CA VAL B 9 2.57 21.87 -14.61
C VAL B 9 1.87 20.52 -14.37
N LYS B 10 1.82 20.10 -13.10
CA LYS B 10 1.16 18.87 -12.58
C LYS B 10 0.28 19.31 -11.40
N ARG B 11 -0.99 18.92 -11.40
CA ARG B 11 -1.94 19.14 -10.28
C ARG B 11 -1.90 17.92 -9.36
N MET B 12 -1.01 17.88 -8.37
CA MET B 12 -0.84 16.78 -7.40
C MET B 12 0.09 17.22 -6.27
N ASP B 13 0.20 16.39 -5.23
CA ASP B 13 1.05 16.54 -4.02
C ASP B 13 2.52 16.49 -4.48
N ILE B 14 3.25 17.57 -4.21
CA ILE B 14 4.67 17.73 -4.65
C ILE B 14 5.55 16.75 -3.89
N ALA B 15 5.09 16.14 -2.80
CA ALA B 15 5.86 15.09 -2.08
C ALA B 15 5.98 13.81 -2.93
N LYS B 16 5.15 13.65 -3.96
CA LYS B 16 5.18 12.50 -4.90
C LYS B 16 5.91 12.87 -6.19
N ASN B 17 6.71 13.94 -6.21
CA ASN B 17 7.39 14.38 -7.45
C ASN B 17 8.30 13.29 -8.02
N ASP B 18 8.43 13.28 -9.36
CA ASP B 18 9.34 12.42 -10.17
C ASP B 18 10.63 13.22 -10.53
N GLU B 19 10.92 14.36 -9.88
CA GLU B 19 12.07 15.22 -10.27
C GLU B 19 13.28 14.98 -9.40
N GLU B 20 14.43 15.54 -9.78
CA GLU B 20 15.74 15.29 -9.13
C GLU B 20 15.90 16.12 -7.85
N CYS B 21 14.98 17.06 -7.59
CA CYS B 21 14.97 17.80 -6.31
C CYS B 21 13.62 18.52 -6.16
N VAL B 22 13.38 18.98 -4.94
CA VAL B 22 12.09 19.61 -4.56
C VAL B 22 12.37 20.97 -3.91
N VAL B 23 11.50 21.93 -4.22
CA VAL B 23 11.46 23.23 -3.50
C VAL B 23 10.31 23.17 -2.51
N ASN B 24 10.64 23.32 -1.25
CA ASN B 24 9.66 23.43 -0.14
C ASN B 24 9.25 24.91 -0.04
N ALA B 25 7.96 25.17 0.11
CA ALA B 25 7.45 26.52 0.45
C ALA B 25 7.56 26.63 1.97
N ALA B 26 8.75 26.96 2.44
CA ALA B 26 9.17 26.88 3.85
C ALA B 26 8.71 28.09 4.66
N ASN B 27 8.70 27.92 5.97
CA ASN B 27 8.65 29.07 6.90
C ASN B 27 10.07 29.38 7.37
N PRO B 28 10.35 30.55 7.95
CA PRO B 28 11.72 30.91 8.34
C PRO B 28 12.36 30.06 9.45
N ARG B 29 11.56 29.31 10.19
CA ARG B 29 12.04 28.69 11.45
C ARG B 29 12.24 27.20 11.24
N GLY B 30 12.00 26.70 10.04
CA GLY B 30 12.11 25.26 9.74
C GLY B 30 11.12 24.44 10.54
N LEU B 31 9.89 24.94 10.67
CA LEU B 31 8.78 24.25 11.36
C LEU B 31 7.96 23.52 10.33
N PRO B 32 7.20 22.46 10.74
CA PRO B 32 6.30 21.74 9.83
C PRO B 32 5.24 22.50 8.97
N GLY B 33 4.56 23.51 9.48
CA GLY B 33 3.75 24.42 8.63
C GLY B 33 2.47 23.83 8.01
N ASP B 34 1.99 24.43 6.92
CA ASP B 34 0.71 24.02 6.25
C ASP B 34 0.95 23.82 4.76
N GLY B 35 -0.07 23.27 4.07
CA GLY B 35 -0.05 23.06 2.61
C GLY B 35 1.17 22.28 2.19
N VAL B 36 1.96 22.82 1.25
CA VAL B 36 3.15 22.13 0.66
C VAL B 36 4.13 21.78 1.77
N CYS B 37 4.37 22.68 2.72
CA CYS B 37 5.38 22.47 3.77
C CYS B 37 4.98 21.24 4.60
N LYS B 38 3.69 21.11 4.90
CA LYS B 38 3.20 19.95 5.70
C LYS B 38 3.47 18.66 4.91
N ALA B 39 3.19 18.69 3.62
CA ALA B 39 3.39 17.53 2.70
C ALA B 39 4.86 17.17 2.64
N VAL B 40 5.77 18.15 2.64
CA VAL B 40 7.24 17.94 2.63
C VAL B 40 7.75 17.44 3.98
N TYR B 41 7.24 17.94 5.10
CA TYR B 41 7.65 17.50 6.44
C TYR B 41 7.26 16.04 6.69
N LYS B 42 6.17 15.60 6.05
CA LYS B 42 5.63 14.22 6.21
C LYS B 42 6.69 13.22 5.71
N LYS B 43 7.36 13.55 4.61
CA LYS B 43 8.32 12.63 3.94
C LYS B 43 9.79 12.88 4.33
N TRP B 44 10.20 14.14 4.44
CA TRP B 44 11.61 14.52 4.65
C TRP B 44 11.79 15.34 5.90
N PRO B 45 11.34 14.85 7.09
CA PRO B 45 11.48 15.62 8.33
C PRO B 45 12.94 15.92 8.68
N GLU B 46 13.85 14.97 8.39
CA GLU B 46 15.31 15.14 8.66
C GLU B 46 15.89 16.21 7.74
N SER B 47 15.20 16.57 6.66
CA SER B 47 15.54 17.74 5.81
C SER B 47 15.33 19.05 6.59
N PHE B 48 14.52 19.03 7.66
CA PHE B 48 14.27 20.24 8.47
C PHE B 48 15.39 20.44 9.49
N LYS B 49 16.38 19.54 9.55
CA LYS B 49 17.52 19.75 10.46
C LYS B 49 18.28 21.01 10.05
N ASN B 50 18.22 22.04 10.87
CA ASN B 50 18.92 23.33 10.68
C ASN B 50 18.52 23.94 9.32
N SER B 51 17.24 23.83 8.96
CA SER B 51 16.66 24.39 7.70
C SER B 51 16.21 25.84 7.88
N ALA B 52 16.21 26.37 9.11
CA ALA B 52 15.78 27.76 9.40
C ALA B 52 16.63 28.75 8.57
N THR B 53 15.99 29.71 7.90
CA THR B 53 16.67 30.66 6.97
C THR B 53 15.76 31.87 6.83
N PRO B 54 16.29 33.10 6.62
CA PRO B 54 15.44 34.28 6.52
C PRO B 54 14.50 34.31 5.32
N VAL B 55 13.49 35.16 5.43
CA VAL B 55 12.59 35.46 4.30
C VAL B 55 13.45 35.94 3.13
N GLY B 56 13.09 35.53 1.91
CA GLY B 56 13.79 35.97 0.71
C GLY B 56 15.00 35.11 0.42
N THR B 57 15.17 33.99 1.14
CA THR B 57 16.35 33.09 0.94
C THR B 57 15.91 31.64 0.76
N ALA B 58 16.84 30.83 0.28
CA ALA B 58 16.67 29.37 0.11
C ALA B 58 17.84 28.66 0.77
N LYS B 59 17.57 27.58 1.51
CA LYS B 59 18.59 26.76 2.18
C LYS B 59 18.33 25.29 1.82
N THR B 60 19.33 24.60 1.27
CA THR B 60 19.17 23.20 0.82
C THR B 60 19.70 22.26 1.90
N VAL B 61 18.91 21.26 2.22
CA VAL B 61 19.33 20.18 3.15
C VAL B 61 19.22 18.90 2.36
N MET B 62 20.33 18.13 2.31
CA MET B 62 20.41 16.83 1.62
C MET B 62 19.81 15.74 2.52
N CYS B 63 18.92 14.93 1.95
CA CYS B 63 18.45 13.67 2.54
C CYS B 63 19.07 12.55 1.72
N GLY B 64 20.28 12.11 2.11
CA GLY B 64 21.10 11.22 1.28
C GLY B 64 21.51 11.96 0.03
N THR B 65 21.00 11.58 -1.14
CA THR B 65 21.37 12.22 -2.42
C THR B 65 20.28 13.20 -2.87
N TYR B 66 19.10 13.20 -2.21
CA TYR B 66 17.93 13.99 -2.64
C TYR B 66 17.96 15.38 -2.00
N PRO B 67 18.07 16.48 -2.79
CA PRO B 67 18.10 17.84 -2.24
C PRO B 67 16.68 18.41 -2.02
N VAL B 68 16.46 18.93 -0.82
CA VAL B 68 15.24 19.70 -0.42
C VAL B 68 15.69 21.14 -0.27
N ILE B 69 15.20 21.99 -1.16
CA ILE B 69 15.56 23.43 -1.19
C ILE B 69 14.44 24.19 -0.45
N HIS B 70 14.70 24.62 0.76
CA HIS B 70 13.70 25.33 1.59
C HIS B 70 13.69 26.80 1.16
N ALA B 71 12.65 27.24 0.46
CA ALA B 71 12.55 28.63 -0.08
C ALA B 71 11.52 29.39 0.76
N VAL B 72 11.94 30.51 1.34
CA VAL B 72 11.06 31.23 2.31
C VAL B 72 10.46 32.46 1.60
N GLY B 73 9.25 32.33 1.09
CA GLY B 73 8.48 33.48 0.59
C GLY B 73 7.90 34.29 1.75
N PRO B 74 7.61 35.57 1.48
CA PRO B 74 7.08 36.47 2.50
C PRO B 74 5.63 36.10 2.82
N ASN B 75 5.23 36.34 4.07
CA ASN B 75 3.81 36.30 4.49
C ASN B 75 3.23 37.69 4.23
N PHE B 76 2.33 37.81 3.25
CA PHE B 76 1.72 39.10 2.89
C PHE B 76 0.74 39.60 3.97
N SER B 77 0.44 38.81 5.01
CA SER B 77 -0.25 39.29 6.23
C SER B 77 0.65 40.28 6.99
N ASN B 78 1.97 40.14 6.85
CA ASN B 78 3.00 40.86 7.66
C ASN B 78 3.77 41.89 6.81
N TYR B 79 4.07 41.56 5.56
CA TYR B 79 4.82 42.44 4.62
C TYR B 79 3.83 43.34 3.88
N THR B 80 4.23 44.57 3.56
CA THR B 80 3.51 45.44 2.60
C THR B 80 3.58 44.82 1.21
N GLU B 81 2.69 45.24 0.30
CA GLU B 81 2.76 44.80 -1.11
C GLU B 81 4.17 45.06 -1.67
N SER B 82 4.72 46.25 -1.42
CA SER B 82 6.04 46.66 -1.95
C SER B 82 7.14 45.72 -1.42
N GLU B 83 7.24 45.60 -0.09
CA GLU B 83 8.34 44.82 0.55
C GLU B 83 8.18 43.33 0.24
N GLY B 84 6.95 42.85 0.23
CA GLY B 84 6.62 41.45 -0.08
C GLY B 84 6.99 41.11 -1.52
N ASP B 85 6.72 42.02 -2.44
CA ASP B 85 7.01 41.73 -3.88
C ASP B 85 8.52 41.52 -4.04
N ARG B 86 9.34 42.31 -3.33
CA ARG B 86 10.82 42.27 -3.44
C ARG B 86 11.30 40.95 -2.83
N GLU B 87 10.76 40.56 -1.66
CA GLU B 87 11.21 39.32 -0.97
C GLU B 87 10.80 38.09 -1.77
N LEU B 88 9.66 38.13 -2.42
CA LEU B 88 9.15 36.99 -3.22
C LEU B 88 10.05 36.80 -4.45
N ALA B 89 10.40 37.89 -5.13
CA ALA B 89 11.38 37.84 -6.24
C ALA B 89 12.70 37.23 -5.74
N ALA B 90 13.18 37.67 -4.57
CA ALA B 90 14.48 37.29 -3.99
C ALA B 90 14.48 35.79 -3.67
N ALA B 91 13.39 35.25 -3.12
CA ALA B 91 13.31 33.82 -2.76
C ALA B 91 13.52 32.99 -4.04
N TYR B 92 12.82 33.33 -5.11
CA TYR B 92 12.94 32.60 -6.38
C TYR B 92 14.34 32.78 -6.98
N ARG B 93 14.96 33.95 -6.88
CA ARG B 93 16.35 34.09 -7.37
C ARG B 93 17.28 33.13 -6.61
N GLU B 94 17.09 32.97 -5.30
N GLU B 94 17.09 32.96 -5.31
CA GLU B 94 17.93 32.03 -4.49
CA GLU B 94 17.94 32.06 -4.50
C GLU B 94 17.66 30.59 -4.92
C GLU B 94 17.65 30.60 -4.89
N VAL B 95 16.41 30.26 -5.27
CA VAL B 95 16.08 28.92 -5.79
C VAL B 95 16.87 28.65 -7.08
N ALA B 96 16.89 29.60 -8.01
CA ALA B 96 17.63 29.43 -9.29
C ALA B 96 19.12 29.16 -9.04
N LYS B 97 19.75 29.90 -8.13
CA LYS B 97 21.18 29.72 -7.77
C LYS B 97 21.38 28.31 -7.18
N GLU B 98 20.48 27.88 -6.29
CA GLU B 98 20.60 26.53 -5.69
C GLU B 98 20.46 25.44 -6.76
N VAL B 99 19.42 25.50 -7.58
CA VAL B 99 19.18 24.53 -8.65
C VAL B 99 20.45 24.46 -9.53
N THR B 100 21.06 25.61 -9.84
CA THR B 100 22.28 25.69 -10.70
C THR B 100 23.42 25.00 -9.94
N ARG B 101 23.60 25.33 -8.67
CA ARG B 101 24.73 24.80 -7.86
C ARG B 101 24.65 23.27 -7.79
N LEU B 102 23.45 22.73 -7.67
CA LEU B 102 23.22 21.29 -7.40
C LEU B 102 23.50 20.48 -8.67
N GLY B 103 23.36 21.09 -9.86
CA GLY B 103 23.54 20.44 -11.17
C GLY B 103 22.47 19.45 -11.51
N VAL B 104 21.28 19.55 -10.90
CA VAL B 104 20.11 18.72 -11.25
C VAL B 104 19.70 19.06 -12.68
N ASN B 105 19.00 18.14 -13.33
CA ASN B 105 18.41 18.30 -14.68
C ASN B 105 16.92 18.57 -14.57
N SER B 106 16.33 18.43 -13.36
CA SER B 106 14.90 18.71 -13.11
C SER B 106 14.70 19.19 -11.66
N VAL B 107 13.57 19.85 -11.43
CA VAL B 107 13.17 20.46 -10.13
C VAL B 107 11.64 20.61 -10.12
N ALA B 108 11.07 20.23 -8.99
CA ALA B 108 9.63 20.35 -8.66
C ALA B 108 9.51 21.61 -7.82
N ILE B 109 8.66 22.54 -8.23
N ILE B 109 8.67 22.55 -8.26
CA ILE B 109 8.55 23.86 -7.53
CA ILE B 109 8.52 23.91 -7.65
C ILE B 109 7.08 24.23 -7.36
C ILE B 109 7.05 24.19 -7.37
N PRO B 110 6.69 24.65 -6.14
CA PRO B 110 5.35 25.18 -5.89
C PRO B 110 5.36 26.70 -6.10
N LEU B 111 4.18 27.33 -6.15
CA LEU B 111 4.04 28.81 -6.25
C LEU B 111 4.14 29.41 -4.82
N LEU B 112 5.27 30.03 -4.53
CA LEU B 112 5.56 30.64 -3.22
C LEU B 112 4.56 31.77 -2.94
N SER B 113 4.16 31.82 -1.69
CA SER B 113 3.29 32.87 -1.09
C SER B 113 1.86 32.85 -1.68
N THR B 114 1.36 31.72 -2.19
CA THR B 114 0.02 31.67 -2.83
C THR B 114 -1.00 30.99 -1.88
N GLY B 115 -0.55 30.37 -0.79
CA GLY B 115 -1.42 29.68 0.18
C GLY B 115 -1.69 30.55 1.40
N VAL B 116 -1.33 30.07 2.59
CA VAL B 116 -1.59 30.79 3.85
C VAL B 116 -0.71 32.04 3.96
N TYR B 117 0.35 32.20 3.15
CA TYR B 117 1.14 33.46 3.13
C TYR B 117 0.58 34.48 2.11
N SER B 118 -0.55 34.24 1.42
CA SER B 118 -1.10 35.14 0.36
C SER B 118 -1.76 36.40 0.94
N GLY B 119 -2.07 36.43 2.24
CA GLY B 119 -2.75 37.59 2.82
C GLY B 119 -4.15 37.72 2.27
N GLY B 120 -4.76 36.61 1.87
CA GLY B 120 -6.13 36.52 1.34
C GLY B 120 -6.28 36.97 -0.11
N LYS B 121 -5.18 37.14 -0.87
CA LYS B 121 -5.23 37.65 -2.26
C LYS B 121 -4.83 36.52 -3.20
N ASP B 122 -5.41 36.50 -4.41
CA ASP B 122 -5.02 35.61 -5.53
C ASP B 122 -3.68 36.10 -6.10
N ARG B 123 -2.59 35.33 -5.86
CA ARG B 123 -1.22 35.76 -6.29
C ARG B 123 -0.64 34.80 -7.34
N LEU B 124 -1.49 34.10 -8.08
CA LEU B 124 -0.98 33.12 -9.07
C LEU B 124 -0.04 33.86 -10.05
N THR B 125 -0.53 34.92 -10.68
CA THR B 125 0.18 35.66 -11.75
C THR B 125 1.45 36.25 -11.16
N GLN B 126 1.36 36.88 -9.99
CA GLN B 126 2.53 37.52 -9.35
C GLN B 126 3.60 36.44 -9.07
N SER B 127 3.24 35.36 -8.43
CA SER B 127 4.20 34.32 -8.01
C SER B 127 4.78 33.65 -9.26
N LEU B 128 3.93 33.30 -10.23
CA LEU B 128 4.41 32.67 -11.49
C LEU B 128 5.38 33.59 -12.23
N ASN B 129 5.10 34.88 -12.29
CA ASN B 129 5.98 35.88 -12.97
C ASN B 129 7.38 35.87 -12.30
N HIS B 130 7.47 35.88 -10.97
CA HIS B 130 8.76 35.84 -10.25
C HIS B 130 9.44 34.48 -10.46
N LEU B 131 8.69 33.40 -10.56
CA LEU B 131 9.28 32.05 -10.81
C LEU B 131 9.96 32.10 -12.19
N PHE B 132 9.24 32.53 -13.23
CA PHE B 132 9.80 32.62 -14.59
C PHE B 132 11.02 33.55 -14.58
N THR B 133 10.91 34.73 -13.98
CA THR B 133 12.03 35.72 -14.01
C THR B 133 13.32 35.04 -13.52
N ALA B 134 13.22 34.23 -12.48
CA ALA B 134 14.36 33.58 -11.84
C ALA B 134 14.78 32.36 -12.67
N MET B 135 13.84 31.54 -13.10
CA MET B 135 14.18 30.17 -13.57
C MET B 135 14.49 30.22 -15.08
N ASP B 136 14.12 31.29 -15.79
CA ASP B 136 14.24 31.35 -17.27
C ASP B 136 15.70 31.07 -17.69
N SER B 137 16.67 31.57 -16.94
CA SER B 137 18.11 31.49 -17.33
C SER B 137 18.72 30.15 -16.86
N THR B 138 17.97 29.25 -16.20
CA THR B 138 18.45 27.90 -15.77
C THR B 138 18.10 26.88 -16.87
N ASP B 139 18.83 25.74 -16.96
CA ASP B 139 18.55 24.71 -17.98
C ASP B 139 17.91 23.46 -17.38
N ALA B 140 17.50 23.49 -16.10
CA ALA B 140 16.78 22.35 -15.50
C ALA B 140 15.36 22.29 -16.10
N ASP B 141 14.82 21.08 -16.26
CA ASP B 141 13.38 20.92 -16.53
C ASP B 141 12.62 21.35 -15.27
N VAL B 142 11.69 22.29 -15.42
CA VAL B 142 10.92 22.80 -14.23
C VAL B 142 9.49 22.23 -14.31
N VAL B 143 9.09 21.62 -13.21
CA VAL B 143 7.73 21.07 -13.01
C VAL B 143 7.09 21.87 -11.87
N ILE B 144 6.10 22.66 -12.23
CA ILE B 144 5.33 23.51 -11.28
C ILE B 144 4.16 22.69 -10.78
N TYR B 145 3.96 22.60 -9.47
CA TYR B 145 2.81 21.86 -8.89
C TYR B 145 1.83 22.86 -8.28
N CYS B 146 0.55 22.78 -8.69
CA CYS B 146 -0.51 23.74 -8.28
C CYS B 146 -1.71 23.03 -7.64
N ARG B 147 -2.64 23.85 -7.13
CA ARG B 147 -3.59 23.52 -6.05
C ARG B 147 -4.84 22.89 -6.68
N ASP B 148 -5.35 23.46 -7.79
CA ASP B 148 -6.65 23.09 -8.38
C ASP B 148 -6.61 23.28 -9.90
N LYS B 149 -7.61 22.72 -10.58
CA LYS B 149 -7.72 22.59 -12.05
C LYS B 149 -7.91 23.98 -12.67
N GLU B 150 -8.46 24.93 -11.91
CA GLU B 150 -8.59 26.35 -12.33
C GLU B 150 -7.18 26.95 -12.43
N TRP B 151 -6.38 26.75 -11.37
CA TRP B 151 -4.97 27.21 -11.31
C TRP B 151 -4.10 26.41 -12.31
N GLU B 152 -4.23 25.09 -12.32
CA GLU B 152 -3.58 24.22 -13.34
C GLU B 152 -3.84 24.80 -14.74
N LYS B 153 -5.10 25.11 -15.07
CA LYS B 153 -5.44 25.66 -16.40
C LYS B 153 -4.68 26.97 -16.66
N LYS B 154 -4.71 27.93 -15.73
CA LYS B 154 -4.10 29.26 -15.97
C LYS B 154 -2.58 29.13 -16.06
N ILE B 155 -1.96 28.27 -15.26
CA ILE B 155 -0.46 28.05 -15.27
C ILE B 155 -0.09 27.43 -16.63
N SER B 156 -0.81 26.41 -17.03
CA SER B 156 -0.63 25.72 -18.32
C SER B 156 -0.74 26.72 -19.46
N GLU B 157 -1.77 27.57 -19.45
CA GLU B 157 -2.00 28.61 -20.47
C GLU B 157 -0.82 29.57 -20.48
N ALA B 158 -0.38 30.03 -19.31
CA ALA B 158 0.72 30.99 -19.19
C ALA B 158 1.99 30.37 -19.83
N ILE B 159 2.28 29.10 -19.59
CA ILE B 159 3.48 28.40 -20.15
C ILE B 159 3.41 28.40 -21.68
N GLN B 160 2.26 28.01 -22.25
CA GLN B 160 2.07 27.81 -23.71
C GLN B 160 2.13 29.15 -24.46
N MET B 161 1.70 30.22 -23.80
CA MET B 161 1.64 31.59 -24.37
C MET B 161 3.03 32.05 -24.79
N ARG B 162 4.08 31.58 -24.11
CA ARG B 162 5.44 32.17 -24.20
C ARG B 162 6.25 31.49 -25.32
N THR B 163 5.79 30.33 -25.79
CA THR B 163 6.51 29.39 -26.69
C THR B 163 5.80 29.42 -28.06
N GLY C 1 -18.49 -13.82 -16.08
CA GLY C 1 -17.38 -14.63 -15.47
C GLY C 1 -16.80 -15.66 -16.44
N ALA C 2 -15.49 -15.93 -16.38
CA ALA C 2 -14.89 -17.09 -17.07
C ALA C 2 -15.47 -18.35 -16.43
N MET C 3 -15.77 -19.41 -17.20
CA MET C 3 -16.36 -20.65 -16.64
C MET C 3 -15.42 -21.29 -15.59
N ALA C 4 -14.11 -21.18 -15.76
CA ALA C 4 -13.09 -21.72 -14.83
C ALA C 4 -11.98 -20.69 -14.75
N PRO C 5 -12.20 -19.60 -13.98
CA PRO C 5 -11.25 -18.49 -13.90
C PRO C 5 -9.82 -18.99 -13.74
N SER C 6 -8.89 -18.48 -14.53
CA SER C 6 -7.47 -18.93 -14.56
C SER C 6 -6.50 -17.76 -14.50
N TYR C 7 -5.24 -18.07 -14.20
CA TYR C 7 -4.09 -17.19 -14.46
C TYR C 7 -3.24 -17.80 -15.55
N ARG C 8 -2.72 -16.97 -16.44
CA ARG C 8 -1.73 -17.41 -17.46
C ARG C 8 -0.67 -16.32 -17.58
N VAL C 9 0.48 -16.67 -18.12
CA VAL C 9 1.52 -15.68 -18.45
C VAL C 9 1.93 -15.83 -19.90
N LYS C 10 2.15 -14.68 -20.55
CA LYS C 10 2.63 -14.61 -21.93
C LYS C 10 3.82 -13.65 -22.02
N ARG C 11 4.84 -14.06 -22.78
CA ARG C 11 6.03 -13.20 -23.10
C ARG C 11 5.85 -12.55 -24.47
N MET C 12 5.13 -11.42 -24.51
CA MET C 12 4.87 -10.65 -25.75
C MET C 12 4.34 -9.26 -25.40
N ASP C 13 4.21 -8.39 -26.40
CA ASP C 13 3.74 -6.99 -26.26
C ASP C 13 2.28 -7.01 -25.80
N ILE C 14 2.01 -6.37 -24.66
CA ILE C 14 0.65 -6.27 -24.09
C ILE C 14 -0.23 -5.49 -25.07
N ALA C 15 0.36 -4.68 -25.96
CA ALA C 15 -0.43 -3.90 -26.93
C ALA C 15 -1.06 -4.80 -28.01
N LYS C 16 -0.65 -6.07 -28.07
N LYS C 16 -0.65 -6.07 -28.10
CA LYS C 16 -1.16 -7.10 -29.01
CA LYS C 16 -1.24 -7.07 -29.04
C LYS C 16 -1.93 -8.18 -28.25
C LYS C 16 -1.93 -8.18 -28.25
N ASN C 17 -2.43 -7.89 -27.04
CA ASN C 17 -3.15 -8.89 -26.22
C ASN C 17 -4.42 -9.43 -26.91
N ASP C 18 -4.89 -10.58 -26.45
CA ASP C 18 -6.11 -11.30 -26.90
C ASP C 18 -7.17 -11.33 -25.80
N GLU C 19 -7.22 -10.31 -24.94
CA GLU C 19 -8.22 -10.20 -23.86
C GLU C 19 -9.23 -9.06 -24.10
N GLU C 20 -10.27 -9.05 -23.27
CA GLU C 20 -11.42 -8.10 -23.41
C GLU C 20 -11.06 -6.68 -22.91
N CYS C 21 -9.99 -6.52 -22.14
CA CYS C 21 -9.52 -5.19 -21.69
C CYS C 21 -8.05 -5.26 -21.31
N VAL C 22 -7.40 -4.11 -21.17
CA VAL C 22 -5.96 -3.99 -20.85
C VAL C 22 -5.76 -3.10 -19.63
N VAL C 23 -4.75 -3.45 -18.84
CA VAL C 23 -4.23 -2.57 -17.76
C VAL C 23 -3.00 -1.87 -18.28
N ASN C 24 -3.04 -0.54 -18.23
CA ASN C 24 -1.85 0.27 -18.56
C ASN C 24 -1.07 0.53 -17.27
N ALA C 25 0.25 0.36 -17.30
CA ALA C 25 1.14 0.84 -16.21
C ALA C 25 1.34 2.35 -16.41
N ALA C 26 0.43 3.10 -15.86
CA ALA C 26 0.23 4.54 -16.15
C ALA C 26 1.07 5.42 -15.21
N ASN C 27 1.15 6.70 -15.55
CA ASN C 27 1.79 7.74 -14.71
C ASN C 27 0.66 8.64 -14.24
N PRO C 28 0.81 9.33 -13.10
CA PRO C 28 -0.30 10.11 -12.52
C PRO C 28 -0.82 11.24 -13.43
N ARG C 29 0.00 11.74 -14.36
CA ARG C 29 -0.35 12.89 -15.24
C ARG C 29 -1.17 12.40 -16.45
N GLY C 30 -1.06 11.12 -16.80
CA GLY C 30 -1.76 10.57 -17.96
C GLY C 30 -1.02 10.87 -19.25
N LEU C 31 0.31 10.91 -19.19
CA LEU C 31 1.23 11.17 -20.33
C LEU C 31 1.64 9.85 -20.97
N PRO C 32 2.00 9.87 -22.28
CA PRO C 32 2.48 8.67 -22.96
C PRO C 32 3.57 7.86 -22.23
N GLY C 33 4.47 8.53 -21.51
CA GLY C 33 5.51 7.84 -20.72
C GLY C 33 6.42 7.01 -21.60
N ASP C 34 6.96 5.92 -21.02
CA ASP C 34 7.92 4.98 -21.66
C ASP C 34 7.48 3.54 -21.38
N GLY C 35 8.16 2.56 -21.97
CA GLY C 35 7.89 1.12 -21.78
C GLY C 35 6.48 0.76 -22.23
N VAL C 36 5.76 -0.03 -21.42
CA VAL C 36 4.37 -0.50 -21.71
C VAL C 36 3.46 0.73 -21.90
N CYS C 37 3.64 1.78 -21.08
CA CYS C 37 2.84 3.03 -21.21
C CYS C 37 2.90 3.62 -22.63
N LYS C 38 4.08 3.59 -23.27
CA LYS C 38 4.34 4.11 -24.64
C LYS C 38 3.66 3.21 -25.69
N ALA C 39 3.90 1.90 -25.62
CA ALA C 39 3.27 0.89 -26.51
C ALA C 39 1.73 1.03 -26.42
N VAL C 40 1.21 1.27 -25.22
CA VAL C 40 -0.23 1.38 -24.93
C VAL C 40 -0.74 2.67 -25.58
N TYR C 41 0.03 3.76 -25.44
CA TYR C 41 -0.29 5.08 -26.03
C TYR C 41 -0.36 4.95 -27.55
N LYS C 42 0.57 4.22 -28.14
CA LYS C 42 0.62 4.07 -29.63
C LYS C 42 -0.58 3.25 -30.10
N LYS C 43 -1.02 2.24 -29.33
CA LYS C 43 -2.14 1.34 -29.73
C LYS C 43 -3.49 2.00 -29.46
N TRP C 44 -3.67 2.67 -28.32
CA TRP C 44 -4.98 3.21 -27.88
C TRP C 44 -4.85 4.66 -27.45
N PRO C 45 -4.33 5.57 -28.33
CA PRO C 45 -4.08 6.95 -27.91
C PRO C 45 -5.34 7.64 -27.38
N GLU C 46 -6.51 7.33 -27.95
CA GLU C 46 -7.81 7.94 -27.54
C GLU C 46 -8.12 7.65 -26.05
N SER C 47 -7.53 6.58 -25.48
CA SER C 47 -7.76 6.22 -24.06
C SER C 47 -7.04 7.18 -23.10
N PHE C 48 -6.16 8.06 -23.61
CA PHE C 48 -5.36 9.01 -22.78
C PHE C 48 -6.06 10.37 -22.59
N LYS C 49 -7.28 10.50 -23.11
CA LYS C 49 -8.17 11.68 -22.87
C LYS C 49 -8.64 11.67 -21.41
N ASN C 50 -8.15 12.60 -20.60
CA ASN C 50 -8.49 12.76 -19.16
C ASN C 50 -8.22 11.44 -18.41
N SER C 51 -7.07 10.81 -18.66
CA SER C 51 -6.63 9.54 -18.04
C SER C 51 -5.93 9.79 -16.70
N ALA C 52 -5.51 11.03 -16.43
CA ALA C 52 -4.82 11.41 -15.17
C ALA C 52 -5.57 10.82 -13.98
N THR C 53 -4.84 10.19 -13.06
CA THR C 53 -5.40 9.61 -11.82
C THR C 53 -4.25 9.49 -10.80
N PRO C 54 -4.54 9.65 -9.48
CA PRO C 54 -3.48 9.61 -8.48
C PRO C 54 -2.76 8.25 -8.34
N VAL C 55 -1.55 8.32 -7.82
CA VAL C 55 -0.81 7.12 -7.35
C VAL C 55 -1.72 6.27 -6.47
N GLY C 56 -1.71 4.95 -6.69
CA GLY C 56 -2.52 4.00 -5.91
C GLY C 56 -3.95 3.85 -6.36
N THR C 57 -4.31 4.42 -7.53
CA THR C 57 -5.68 4.37 -8.10
C THR C 57 -5.64 3.80 -9.52
N ALA C 58 -6.84 3.50 -10.03
CA ALA C 58 -7.00 3.09 -11.45
C ALA C 58 -8.19 3.84 -12.03
N LYS C 59 -8.05 4.31 -13.27
CA LYS C 59 -9.14 5.00 -13.99
C LYS C 59 -9.32 4.36 -15.36
N THR C 60 -10.53 3.95 -15.71
CA THR C 60 -10.78 3.34 -17.04
C THR C 60 -11.19 4.42 -18.04
N VAL C 61 -10.57 4.42 -19.22
CA VAL C 61 -11.04 5.23 -20.38
C VAL C 61 -11.20 4.31 -21.58
N MET C 62 -12.35 4.41 -22.27
CA MET C 62 -12.61 3.62 -23.50
C MET C 62 -11.81 4.19 -24.67
N CYS C 63 -11.26 3.29 -25.48
CA CYS C 63 -10.76 3.53 -26.85
C CYS C 63 -11.77 2.84 -27.78
N GLY C 64 -12.69 3.58 -28.36
CA GLY C 64 -13.87 2.96 -28.97
C GLY C 64 -14.75 2.33 -27.91
N THR C 65 -14.91 1.00 -27.90
CA THR C 65 -15.55 0.28 -26.77
C THR C 65 -14.51 -0.56 -26.00
N TYR C 66 -13.23 -0.51 -26.36
CA TYR C 66 -12.21 -1.37 -25.72
C TYR C 66 -11.67 -0.66 -24.45
N PRO C 67 -11.90 -1.25 -23.24
CA PRO C 67 -11.50 -0.55 -22.01
C PRO C 67 -9.99 -0.59 -21.78
N VAL C 68 -9.42 0.59 -21.48
CA VAL C 68 -8.01 0.73 -21.01
C VAL C 68 -8.02 1.20 -19.55
N ILE C 69 -7.55 0.34 -18.65
CA ILE C 69 -7.59 0.60 -17.19
C ILE C 69 -6.22 1.20 -16.82
N HIS C 70 -6.16 2.53 -16.60
CA HIS C 70 -4.88 3.19 -16.29
C HIS C 70 -4.62 3.01 -14.80
N ALA C 71 -3.67 2.15 -14.44
CA ALA C 71 -3.33 1.82 -13.03
C ALA C 71 -2.01 2.49 -12.69
N VAL C 72 -2.02 3.33 -11.66
CA VAL C 72 -0.80 4.08 -11.26
C VAL C 72 -0.19 3.44 -10.03
N GLY C 73 0.82 2.60 -10.24
CA GLY C 73 1.68 2.12 -9.16
C GLY C 73 2.65 3.19 -8.74
N PRO C 74 3.19 3.06 -7.51
CA PRO C 74 4.19 4.00 -7.04
C PRO C 74 5.51 3.87 -7.81
N ASN C 75 6.21 5.00 -7.92
CA ASN C 75 7.61 5.03 -8.39
C ASN C 75 8.53 4.88 -7.16
N PHE C 76 9.18 3.72 -7.04
CA PHE C 76 10.02 3.41 -5.87
C PHE C 76 11.35 4.17 -5.92
N SER C 77 11.64 4.93 -6.99
CA SER C 77 12.74 5.94 -6.96
C SER C 77 12.46 6.99 -5.89
N ASN C 78 11.18 7.31 -5.69
CA ASN C 78 10.66 8.46 -4.92
C ASN C 78 9.96 7.99 -3.64
N TYR C 79 9.35 6.81 -3.64
CA TYR C 79 8.60 6.26 -2.48
C TYR C 79 9.52 5.38 -1.63
N THR C 80 9.37 5.40 -0.31
CA THR C 80 10.07 4.44 0.58
C THR C 80 9.50 3.04 0.35
N GLU C 81 10.20 2.02 0.81
CA GLU C 81 9.68 0.63 0.71
C GLU C 81 8.34 0.54 1.42
N SER C 82 8.22 1.13 2.60
CA SER C 82 6.96 1.07 3.38
C SER C 82 5.79 1.73 2.64
N GLU C 83 5.92 3.01 2.25
CA GLU C 83 4.80 3.74 1.68
C GLU C 83 4.49 3.14 0.29
N GLY C 84 5.52 2.77 -0.44
CA GLY C 84 5.36 2.19 -1.79
C GLY C 84 4.59 0.89 -1.73
N ASP C 85 4.92 0.03 -0.78
CA ASP C 85 4.23 -1.27 -0.66
C ASP C 85 2.73 -1.05 -0.50
N ARG C 86 2.30 -0.10 0.30
CA ARG C 86 0.85 0.14 0.50
C ARG C 86 0.22 0.70 -0.79
N GLU C 87 0.87 1.60 -1.51
CA GLU C 87 0.30 2.18 -2.75
C GLU C 87 0.26 1.11 -3.87
N LEU C 88 1.21 0.17 -3.90
CA LEU C 88 1.23 -0.87 -4.96
C LEU C 88 0.06 -1.82 -4.71
N ALA C 89 -0.17 -2.20 -3.44
CA ALA C 89 -1.32 -3.03 -3.06
C ALA C 89 -2.62 -2.31 -3.49
N ALA C 90 -2.73 -1.02 -3.23
CA ALA C 90 -3.97 -0.24 -3.46
C ALA C 90 -4.21 -0.14 -4.98
N ALA C 91 -3.18 0.06 -5.80
CA ALA C 91 -3.34 0.16 -7.27
C ALA C 91 -3.96 -1.14 -7.77
N TYR C 92 -3.46 -2.29 -7.29
CA TYR C 92 -4.02 -3.58 -7.75
C TYR C 92 -5.47 -3.77 -7.30
N ARG C 93 -5.79 -3.36 -6.06
N ARG C 93 -5.80 -3.36 -6.06
CA ARG C 93 -7.18 -3.46 -5.53
CA ARG C 93 -7.19 -3.48 -5.56
C ARG C 93 -8.11 -2.64 -6.43
C ARG C 93 -8.11 -2.66 -6.47
N GLU C 94 -7.65 -1.49 -6.93
CA GLU C 94 -8.47 -0.63 -7.82
C GLU C 94 -8.59 -1.29 -9.20
N VAL C 95 -7.57 -2.01 -9.67
CA VAL C 95 -7.70 -2.76 -10.95
C VAL C 95 -8.78 -3.81 -10.77
N ALA C 96 -8.79 -4.57 -9.67
CA ALA C 96 -9.82 -5.60 -9.42
C ALA C 96 -11.21 -4.97 -9.46
N LYS C 97 -11.40 -3.81 -8.83
CA LYS C 97 -12.71 -3.11 -8.82
C LYS C 97 -13.11 -2.73 -10.28
N GLU C 98 -12.16 -2.18 -11.04
CA GLU C 98 -12.44 -1.72 -12.44
C GLU C 98 -12.79 -2.94 -13.32
N VAL C 99 -12.02 -4.02 -13.21
CA VAL C 99 -12.34 -5.26 -13.98
C VAL C 99 -13.76 -5.74 -13.62
N THR C 100 -14.14 -5.76 -12.34
CA THR C 100 -15.44 -6.27 -11.87
C THR C 100 -16.56 -5.35 -12.42
N ARG C 101 -16.36 -4.05 -12.30
CA ARG C 101 -17.31 -3.00 -12.78
C ARG C 101 -17.58 -3.22 -14.26
N LEU C 102 -16.53 -3.49 -15.04
CA LEU C 102 -16.67 -3.61 -16.52
C LEU C 102 -17.42 -4.87 -16.95
N GLY C 103 -17.47 -5.92 -16.13
CA GLY C 103 -18.16 -7.17 -16.43
C GLY C 103 -17.39 -8.01 -17.45
N VAL C 104 -16.10 -7.71 -17.67
CA VAL C 104 -15.25 -8.46 -18.66
C VAL C 104 -14.99 -9.88 -18.17
N ASN C 105 -14.76 -10.81 -19.11
CA ASN C 105 -14.41 -12.22 -18.81
C ASN C 105 -12.88 -12.42 -18.83
N SER C 106 -12.11 -11.41 -19.23
CA SER C 106 -10.64 -11.52 -19.30
C SER C 106 -10.02 -10.14 -19.25
N VAL C 107 -8.77 -10.11 -18.83
CA VAL C 107 -7.95 -8.90 -18.65
C VAL C 107 -6.48 -9.23 -18.90
N ALA C 108 -5.78 -8.36 -19.63
CA ALA C 108 -4.35 -8.38 -19.88
C ALA C 108 -3.72 -7.39 -18.89
N ILE C 109 -2.78 -7.87 -18.07
N ILE C 109 -2.71 -7.83 -18.14
CA ILE C 109 -2.14 -7.08 -16.98
CA ILE C 109 -2.15 -7.01 -17.02
C ILE C 109 -0.61 -7.19 -17.09
C ILE C 109 -0.64 -7.19 -16.98
N PRO C 110 0.12 -6.07 -16.86
CA PRO C 110 1.56 -6.11 -16.64
C PRO C 110 1.85 -6.10 -15.14
N LEU C 111 3.07 -6.43 -14.73
CA LEU C 111 3.45 -6.31 -13.29
C LEU C 111 3.77 -4.84 -13.00
N LEU C 112 2.90 -4.21 -12.24
CA LEU C 112 3.05 -2.77 -11.86
C LEU C 112 4.31 -2.55 -11.04
N SER C 113 4.95 -1.41 -11.30
CA SER C 113 6.13 -0.90 -10.55
C SER C 113 7.34 -1.83 -10.72
N THR C 114 7.48 -2.56 -11.83
CA THR C 114 8.62 -3.48 -12.05
C THR C 114 9.63 -2.99 -13.12
N GLY C 115 9.32 -1.90 -13.81
CA GLY C 115 10.25 -1.35 -14.83
C GLY C 115 10.88 -0.06 -14.31
N VAL C 116 10.59 1.05 -14.97
CA VAL C 116 11.20 2.37 -14.63
C VAL C 116 10.70 2.82 -13.25
N TYR C 117 9.59 2.29 -12.74
CA TYR C 117 9.08 2.62 -11.38
C TYR C 117 9.63 1.64 -10.33
N SER C 118 10.55 0.76 -10.69
CA SER C 118 11.11 -0.24 -9.74
C SER C 118 12.13 0.38 -8.79
N GLY C 119 12.63 1.60 -9.06
CA GLY C 119 13.76 2.16 -8.32
C GLY C 119 15.01 1.30 -8.38
N GLY C 120 15.16 0.51 -9.45
CA GLY C 120 16.32 -0.37 -9.71
C GLY C 120 16.37 -1.69 -8.94
N LYS C 121 15.24 -2.13 -8.37
CA LYS C 121 15.14 -3.39 -7.59
C LYS C 121 14.30 -4.42 -8.35
N ASP C 122 14.62 -5.70 -8.20
CA ASP C 122 13.81 -6.84 -8.69
C ASP C 122 12.53 -6.89 -7.83
N ARG C 123 11.38 -6.52 -8.42
CA ARG C 123 10.07 -6.51 -7.70
C ARG C 123 9.10 -7.54 -8.28
N LEU C 124 9.59 -8.59 -8.96
CA LEU C 124 8.68 -9.62 -9.53
C LEU C 124 7.77 -10.21 -8.44
N THR C 125 8.35 -10.80 -7.37
CA THR C 125 7.57 -11.49 -6.34
C THR C 125 6.65 -10.50 -5.65
N GLN C 126 7.16 -9.32 -5.31
CA GLN C 126 6.36 -8.29 -4.61
C GLN C 126 5.12 -7.93 -5.47
N SER C 127 5.37 -7.54 -6.71
CA SER C 127 4.28 -7.07 -7.61
C SER C 127 3.29 -8.22 -7.83
N LEU C 128 3.81 -9.43 -8.10
CA LEU C 128 2.94 -10.59 -8.39
C LEU C 128 2.11 -10.95 -7.16
N ASN C 129 2.69 -10.92 -5.95
CA ASN C 129 1.93 -11.20 -4.70
C ASN C 129 0.76 -10.20 -4.56
N HIS C 130 0.97 -8.92 -4.83
CA HIS C 130 -0.10 -7.91 -4.73
C HIS C 130 -1.16 -8.19 -5.82
N LEU C 131 -0.73 -8.59 -7.01
CA LEU C 131 -1.65 -8.90 -8.13
C LEU C 131 -2.58 -10.04 -7.70
N PHE C 132 -2.04 -11.12 -7.16
CA PHE C 132 -2.87 -12.26 -6.69
C PHE C 132 -3.78 -11.84 -5.56
N THR C 133 -3.28 -11.06 -4.58
CA THR C 133 -4.10 -10.62 -3.43
C THR C 133 -5.37 -9.91 -3.95
N ALA C 134 -5.24 -9.07 -4.97
CA ALA C 134 -6.37 -8.28 -5.52
C ALA C 134 -7.23 -9.13 -6.46
N MET C 135 -6.62 -9.92 -7.34
CA MET C 135 -7.36 -10.58 -8.44
C MET C 135 -7.89 -11.96 -8.07
N ASP C 136 -7.42 -12.57 -6.97
CA ASP C 136 -7.89 -13.93 -6.62
C ASP C 136 -9.41 -13.95 -6.44
N SER C 137 -10.03 -12.88 -5.93
CA SER C 137 -11.50 -12.90 -5.69
C SER C 137 -12.29 -12.52 -6.94
N THR C 138 -11.64 -12.20 -8.06
CA THR C 138 -12.33 -11.92 -9.35
C THR C 138 -12.48 -13.20 -10.16
N ASP C 139 -13.47 -13.21 -11.07
CA ASP C 139 -13.78 -14.40 -11.92
C ASP C 139 -13.30 -14.19 -13.35
N ALA C 140 -12.55 -13.15 -13.62
CA ALA C 140 -11.98 -12.94 -14.97
C ALA C 140 -10.78 -13.84 -15.22
N ASP C 141 -10.59 -14.30 -16.45
CA ASP C 141 -9.32 -14.88 -16.89
C ASP C 141 -8.26 -13.79 -16.87
N VAL C 142 -7.21 -13.98 -16.09
CA VAL C 142 -6.11 -12.99 -16.01
C VAL C 142 -4.92 -13.48 -16.82
N VAL C 143 -4.42 -12.64 -17.71
CA VAL C 143 -3.25 -12.96 -18.55
C VAL C 143 -2.16 -11.93 -18.25
N ILE C 144 -1.05 -12.38 -17.66
CA ILE C 144 0.05 -11.48 -17.26
C ILE C 144 1.02 -11.41 -18.44
N TYR C 145 1.44 -10.21 -18.81
CA TYR C 145 2.36 -9.99 -19.96
C TYR C 145 3.73 -9.55 -19.45
N CYS C 146 4.77 -10.17 -19.96
CA CYS C 146 6.17 -9.79 -19.62
C CYS C 146 7.01 -9.82 -20.91
N ARG C 147 8.29 -9.45 -20.80
CA ARG C 147 9.24 -9.43 -21.94
C ARG C 147 10.40 -10.40 -21.69
N ASP C 148 10.93 -10.45 -20.46
CA ASP C 148 12.12 -11.26 -20.12
C ASP C 148 11.74 -12.74 -20.04
N LYS C 149 12.58 -13.63 -20.58
CA LYS C 149 12.33 -15.10 -20.57
C LYS C 149 12.42 -15.67 -19.16
N GLU C 150 13.32 -15.17 -18.30
CA GLU C 150 13.47 -15.69 -16.92
C GLU C 150 12.29 -15.21 -16.07
N TRP C 151 11.83 -13.98 -16.26
CA TRP C 151 10.58 -13.51 -15.59
C TRP C 151 9.42 -14.42 -16.02
N GLU C 152 9.30 -14.77 -17.29
CA GLU C 152 8.21 -15.67 -17.75
C GLU C 152 8.21 -16.98 -16.94
N LYS C 153 9.40 -17.57 -16.77
CA LYS C 153 9.61 -18.84 -16.04
C LYS C 153 9.17 -18.69 -14.58
N LYS C 154 9.67 -17.66 -13.89
CA LYS C 154 9.36 -17.37 -12.46
C LYS C 154 7.85 -17.17 -12.29
N ILE C 155 7.24 -16.36 -13.16
CA ILE C 155 5.78 -16.09 -13.05
C ILE C 155 5.01 -17.40 -13.30
N SER C 156 5.39 -18.13 -14.34
CA SER C 156 4.75 -19.43 -14.65
C SER C 156 4.83 -20.38 -13.45
N GLU C 157 5.97 -20.45 -12.77
CA GLU C 157 6.15 -21.36 -11.59
C GLU C 157 5.26 -20.92 -10.44
N ALA C 158 5.22 -19.62 -10.15
CA ALA C 158 4.39 -19.00 -9.10
C ALA C 158 2.93 -19.39 -9.33
N ILE C 159 2.46 -19.37 -10.56
CA ILE C 159 1.04 -19.66 -10.90
C ILE C 159 0.78 -21.15 -10.63
N GLN C 160 1.66 -22.01 -11.13
CA GLN C 160 1.45 -23.48 -11.08
C GLN C 160 1.63 -23.98 -9.63
N MET C 161 2.43 -23.30 -8.83
CA MET C 161 2.63 -23.65 -7.39
C MET C 161 1.30 -23.77 -6.61
N ARG C 162 0.26 -23.05 -7.03
CA ARG C 162 -1.04 -22.91 -6.30
C ARG C 162 -2.13 -23.80 -6.93
N THR C 163 -1.82 -24.50 -8.03
CA THR C 163 -2.77 -25.39 -8.75
C THR C 163 -2.43 -26.85 -8.40
N PRO D 5 -38.89 -26.38 4.51
CA PRO D 5 -37.60 -26.62 5.18
C PRO D 5 -37.55 -26.04 6.61
N SER D 6 -36.78 -26.71 7.48
N SER D 6 -36.76 -26.68 7.49
CA SER D 6 -36.48 -26.28 8.87
CA SER D 6 -36.50 -26.27 8.89
C SER D 6 -35.16 -25.51 8.87
C SER D 6 -35.11 -25.63 8.98
N TYR D 7 -34.94 -24.65 9.87
CA TYR D 7 -33.66 -23.91 10.02
C TYR D 7 -33.18 -23.97 11.46
N ARG D 8 -31.88 -24.23 11.63
CA ARG D 8 -31.15 -24.19 12.92
C ARG D 8 -29.83 -23.44 12.71
N VAL D 9 -29.22 -23.00 13.80
CA VAL D 9 -27.89 -22.35 13.78
C VAL D 9 -27.05 -23.12 14.77
N LYS D 10 -25.79 -23.31 14.45
CA LYS D 10 -24.77 -23.86 15.36
C LYS D 10 -23.57 -22.93 15.32
N ARG D 11 -22.95 -22.71 16.48
CA ARG D 11 -21.69 -21.94 16.62
C ARG D 11 -20.52 -22.94 16.68
N MET D 12 -20.13 -23.49 15.53
CA MET D 12 -19.01 -24.46 15.45
C MET D 12 -18.39 -24.40 14.05
N ASP D 13 -17.21 -25.03 13.90
CA ASP D 13 -16.51 -25.15 12.60
C ASP D 13 -17.40 -25.97 11.66
N ILE D 14 -17.73 -25.41 10.50
CA ILE D 14 -18.60 -26.09 9.50
C ILE D 14 -17.88 -27.34 8.98
N ALA D 15 -16.56 -27.43 9.16
CA ALA D 15 -15.75 -28.61 8.77
C ALA D 15 -16.10 -29.83 9.65
N LYS D 16 -16.82 -29.63 10.75
CA LYS D 16 -17.25 -30.69 11.69
C LYS D 16 -18.78 -30.79 11.72
N ASN D 17 -19.45 -30.43 10.62
CA ASN D 17 -20.92 -30.44 10.54
C ASN D 17 -21.49 -31.87 10.66
N ASP D 18 -22.76 -31.97 11.04
CA ASP D 18 -23.52 -33.24 11.20
C ASP D 18 -24.58 -33.36 10.11
N GLU D 19 -24.38 -32.79 8.92
CA GLU D 19 -25.39 -32.80 7.84
C GLU D 19 -24.91 -33.63 6.65
N GLU D 20 -25.79 -33.93 5.69
CA GLU D 20 -25.47 -34.83 4.54
C GLU D 20 -24.63 -34.15 3.46
N CYS D 21 -24.46 -32.83 3.51
CA CYS D 21 -23.59 -32.13 2.54
C CYS D 21 -23.21 -30.77 3.10
N VAL D 22 -22.21 -30.15 2.49
CA VAL D 22 -21.69 -28.85 3.00
C VAL D 22 -21.64 -27.87 1.85
N VAL D 23 -21.94 -26.61 2.19
CA VAL D 23 -21.66 -25.48 1.28
C VAL D 23 -20.35 -24.81 1.68
N ASN D 24 -19.43 -24.72 0.72
CA ASN D 24 -18.18 -23.96 0.85
C ASN D 24 -18.42 -22.50 0.47
N ALA D 25 -17.96 -21.56 1.31
CA ALA D 25 -17.84 -20.12 0.90
C ALA D 25 -16.57 -19.97 0.06
N ALA D 26 -16.68 -20.34 -1.21
CA ALA D 26 -15.54 -20.55 -2.13
C ALA D 26 -15.07 -19.26 -2.76
N ASN D 27 -13.89 -19.30 -3.35
CA ASN D 27 -13.42 -18.23 -4.25
C ASN D 27 -13.59 -18.75 -5.68
N PRO D 28 -13.56 -17.86 -6.67
CA PRO D 28 -13.88 -18.29 -8.03
C PRO D 28 -12.80 -19.18 -8.68
N ARG D 29 -11.61 -19.24 -8.08
CA ARG D 29 -10.44 -19.90 -8.69
C ARG D 29 -10.26 -21.30 -8.14
N GLY D 30 -11.05 -21.70 -7.15
CA GLY D 30 -10.90 -23.02 -6.51
C GLY D 30 -9.62 -23.07 -5.70
N LEU D 31 -9.15 -21.93 -5.19
CA LEU D 31 -7.96 -21.89 -4.32
C LEU D 31 -8.34 -22.24 -2.89
N PRO D 32 -7.37 -22.73 -2.07
CA PRO D 32 -7.61 -23.01 -0.66
C PRO D 32 -8.16 -21.83 0.16
N GLY D 33 -7.72 -20.61 -0.16
CA GLY D 33 -8.25 -19.38 0.48
C GLY D 33 -7.95 -19.31 1.98
N ASP D 34 -8.87 -18.68 2.72
CA ASP D 34 -8.82 -18.47 4.20
C ASP D 34 -10.22 -18.66 4.77
N GLY D 35 -10.36 -18.58 6.10
CA GLY D 35 -11.67 -18.71 6.77
C GLY D 35 -12.31 -20.06 6.51
N VAL D 36 -13.63 -20.04 6.26
CA VAL D 36 -14.45 -21.26 5.98
C VAL D 36 -13.77 -22.05 4.86
N CYS D 37 -13.34 -21.39 3.78
CA CYS D 37 -12.77 -22.04 2.58
C CYS D 37 -11.52 -22.85 2.98
N LYS D 38 -10.65 -22.29 3.84
CA LYS D 38 -9.41 -23.00 4.26
C LYS D 38 -9.78 -24.24 5.08
N ALA D 39 -10.78 -24.14 5.93
CA ALA D 39 -11.20 -25.27 6.81
C ALA D 39 -11.79 -26.38 5.94
N VAL D 40 -12.55 -25.99 4.93
CA VAL D 40 -13.16 -26.91 3.93
C VAL D 40 -12.02 -27.60 3.17
N TYR D 41 -11.00 -26.84 2.75
CA TYR D 41 -9.84 -27.39 2.00
C TYR D 41 -9.10 -28.44 2.86
N LYS D 42 -8.92 -28.20 4.15
CA LYS D 42 -8.19 -29.15 5.02
C LYS D 42 -9.02 -30.44 5.22
N LYS D 43 -10.34 -30.31 5.27
CA LYS D 43 -11.27 -31.44 5.59
C LYS D 43 -11.56 -32.26 4.34
N TRP D 44 -11.81 -31.62 3.20
CA TRP D 44 -12.27 -32.27 1.95
C TRP D 44 -11.42 -31.79 0.77
N PRO D 45 -10.08 -31.94 0.81
CA PRO D 45 -9.24 -31.37 -0.26
C PRO D 45 -9.56 -31.97 -1.64
N GLU D 46 -10.03 -33.23 -1.69
CA GLU D 46 -10.34 -33.87 -2.99
C GLU D 46 -11.49 -33.12 -3.69
N SER D 47 -12.35 -32.42 -2.95
CA SER D 47 -13.48 -31.66 -3.52
C SER D 47 -13.01 -30.40 -4.25
N PHE D 48 -11.71 -30.06 -4.26
CA PHE D 48 -11.20 -28.86 -4.99
C PHE D 48 -10.73 -29.19 -6.42
N LYS D 49 -10.92 -30.45 -6.86
CA LYS D 49 -10.64 -30.88 -8.26
C LYS D 49 -11.62 -30.18 -9.20
N ASN D 50 -11.14 -29.23 -10.01
CA ASN D 50 -11.99 -28.48 -10.95
C ASN D 50 -13.21 -27.88 -10.23
N SER D 51 -12.98 -27.24 -9.08
CA SER D 51 -14.05 -26.54 -8.31
C SER D 51 -14.21 -25.09 -8.80
N ALA D 52 -13.26 -24.54 -9.56
CA ALA D 52 -13.31 -23.14 -10.07
C ALA D 52 -14.66 -22.90 -10.75
N THR D 53 -15.29 -21.74 -10.47
CA THR D 53 -16.64 -21.44 -10.99
C THR D 53 -16.84 -19.94 -10.82
N PRO D 54 -17.64 -19.30 -11.67
CA PRO D 54 -17.77 -17.85 -11.57
C PRO D 54 -18.53 -17.39 -10.30
N VAL D 55 -18.40 -16.09 -10.04
CA VAL D 55 -19.22 -15.41 -9.00
C VAL D 55 -20.70 -15.61 -9.32
N GLY D 56 -21.49 -15.84 -8.28
CA GLY D 56 -22.95 -16.04 -8.40
C GLY D 56 -23.32 -17.45 -8.78
N THR D 57 -22.37 -18.39 -8.81
CA THR D 57 -22.65 -19.79 -9.19
C THR D 57 -22.24 -20.76 -8.09
N ALA D 58 -22.78 -21.98 -8.21
CA ALA D 58 -22.40 -23.08 -7.30
C ALA D 58 -21.97 -24.29 -8.12
N LYS D 59 -20.94 -24.97 -7.66
CA LYS D 59 -20.43 -26.17 -8.37
C LYS D 59 -20.17 -27.23 -7.31
N THR D 60 -20.83 -28.38 -7.45
CA THR D 60 -20.73 -29.51 -6.50
C THR D 60 -19.63 -30.46 -6.97
N VAL D 61 -18.72 -30.75 -6.08
CA VAL D 61 -17.67 -31.80 -6.25
C VAL D 61 -17.73 -32.74 -5.06
N MET D 62 -17.71 -34.04 -5.35
CA MET D 62 -17.74 -35.09 -4.31
C MET D 62 -16.35 -35.26 -3.68
N CYS D 63 -16.32 -35.46 -2.38
CA CYS D 63 -15.15 -35.97 -1.64
C CYS D 63 -15.58 -37.36 -1.15
N GLY D 64 -15.12 -38.43 -1.81
CA GLY D 64 -15.78 -39.74 -1.57
C GLY D 64 -17.20 -39.67 -2.08
N THR D 65 -18.21 -39.88 -1.21
CA THR D 65 -19.63 -39.72 -1.55
C THR D 65 -20.22 -38.48 -0.87
N TYR D 66 -19.41 -37.68 -0.20
CA TYR D 66 -19.85 -36.49 0.57
C TYR D 66 -19.82 -35.28 -0.37
N PRO D 67 -20.98 -34.65 -0.67
CA PRO D 67 -21.02 -33.53 -1.61
C PRO D 67 -20.57 -32.20 -0.98
N VAL D 68 -19.66 -31.52 -1.67
CA VAL D 68 -19.19 -30.17 -1.28
C VAL D 68 -19.68 -29.22 -2.37
N ILE D 69 -20.59 -28.33 -1.99
CA ILE D 69 -21.26 -27.40 -2.93
C ILE D 69 -20.44 -26.10 -2.84
N HIS D 70 -19.56 -25.84 -3.80
CA HIS D 70 -18.70 -24.65 -3.79
C HIS D 70 -19.54 -23.47 -4.29
N ALA D 71 -19.88 -22.52 -3.42
CA ALA D 71 -20.77 -21.39 -3.74
C ALA D 71 -19.94 -20.11 -3.70
N VAL D 72 -19.93 -19.37 -4.79
CA VAL D 72 -19.04 -18.19 -4.90
C VAL D 72 -19.88 -16.92 -4.70
N GLY D 73 -19.84 -16.39 -3.50
CA GLY D 73 -20.47 -15.08 -3.24
C GLY D 73 -19.57 -13.99 -3.76
N PRO D 74 -20.12 -12.78 -3.98
CA PRO D 74 -19.34 -11.66 -4.46
C PRO D 74 -18.44 -11.09 -3.36
N ASN D 75 -17.28 -10.59 -3.76
CA ASN D 75 -16.42 -9.78 -2.87
C ASN D 75 -16.88 -8.32 -2.97
N PHE D 76 -17.50 -7.80 -1.93
CA PHE D 76 -17.99 -6.40 -1.92
C PHE D 76 -16.84 -5.37 -1.90
N SER D 77 -15.58 -5.72 -1.74
CA SER D 77 -14.46 -4.82 -2.10
C SER D 77 -14.44 -4.52 -3.60
N ASN D 78 -14.93 -5.46 -4.43
CA ASN D 78 -14.83 -5.35 -5.91
C ASN D 78 -16.16 -4.90 -6.52
N TYR D 79 -17.31 -5.34 -5.98
CA TYR D 79 -18.64 -5.12 -6.56
C TYR D 79 -19.25 -3.87 -5.92
N THR D 80 -20.05 -3.13 -6.68
CA THR D 80 -20.97 -2.14 -6.06
C THR D 80 -21.97 -2.83 -5.14
N GLU D 81 -22.60 -2.08 -4.21
CA GLU D 81 -23.71 -2.66 -3.43
C GLU D 81 -24.80 -3.22 -4.34
N SER D 82 -25.15 -2.53 -5.41
CA SER D 82 -26.26 -2.95 -6.30
C SER D 82 -25.87 -4.27 -7.00
N GLU D 83 -24.73 -4.32 -7.67
CA GLU D 83 -24.36 -5.51 -8.50
C GLU D 83 -24.04 -6.69 -7.56
N GLY D 84 -23.42 -6.41 -6.42
CA GLY D 84 -23.10 -7.44 -5.41
C GLY D 84 -24.36 -8.06 -4.84
N ASP D 85 -25.39 -7.25 -4.57
CA ASP D 85 -26.63 -7.83 -3.99
C ASP D 85 -27.22 -8.87 -4.94
N ARG D 86 -27.21 -8.59 -6.24
CA ARG D 86 -27.75 -9.49 -7.30
C ARG D 86 -26.93 -10.79 -7.29
N GLU D 87 -25.60 -10.70 -7.17
CA GLU D 87 -24.71 -11.90 -7.28
C GLU D 87 -24.82 -12.71 -5.99
N LEU D 88 -25.09 -12.08 -4.86
CA LEU D 88 -25.28 -12.82 -3.58
C LEU D 88 -26.58 -13.60 -3.65
N ALA D 89 -27.66 -12.98 -4.15
CA ALA D 89 -28.96 -13.67 -4.39
C ALA D 89 -28.70 -14.91 -5.26
N ALA D 90 -27.95 -14.74 -6.34
CA ALA D 90 -27.73 -15.74 -7.40
C ALA D 90 -26.96 -16.93 -6.79
N ALA D 91 -25.94 -16.67 -5.99
CA ALA D 91 -25.12 -17.75 -5.41
C ALA D 91 -26.02 -18.65 -4.54
N TYR D 92 -26.86 -18.06 -3.69
CA TYR D 92 -27.77 -18.84 -2.84
C TYR D 92 -28.83 -19.59 -3.67
N ARG D 93 -29.36 -18.94 -4.72
CA ARG D 93 -30.31 -19.58 -5.68
C ARG D 93 -29.67 -20.86 -6.24
N GLU D 94 -28.42 -20.78 -6.69
CA GLU D 94 -27.69 -21.94 -7.27
C GLU D 94 -27.41 -23.00 -6.19
N VAL D 95 -27.10 -22.61 -4.95
CA VAL D 95 -27.02 -23.57 -3.81
C VAL D 95 -28.34 -24.34 -3.70
N ALA D 96 -29.48 -23.65 -3.67
CA ALA D 96 -30.80 -24.31 -3.46
C ALA D 96 -31.02 -25.34 -4.57
N LYS D 97 -30.73 -24.96 -5.82
CA LYS D 97 -30.91 -25.87 -6.98
C LYS D 97 -30.06 -27.13 -6.75
N GLU D 98 -28.82 -26.99 -6.30
CA GLU D 98 -27.93 -28.16 -6.07
C GLU D 98 -28.46 -29.04 -4.93
N VAL D 99 -28.93 -28.44 -3.84
CA VAL D 99 -29.48 -29.20 -2.68
C VAL D 99 -30.65 -30.05 -3.16
N THR D 100 -31.54 -29.48 -3.97
CA THR D 100 -32.73 -30.21 -4.51
C THR D 100 -32.23 -31.34 -5.41
N ARG D 101 -31.41 -31.03 -6.41
CA ARG D 101 -30.89 -32.01 -7.40
C ARG D 101 -30.23 -33.19 -6.69
N LEU D 102 -29.47 -32.94 -5.60
CA LEU D 102 -28.73 -33.99 -4.88
C LEU D 102 -29.70 -34.86 -4.08
N GLY D 103 -30.89 -34.34 -3.72
CA GLY D 103 -31.90 -35.11 -2.96
C GLY D 103 -31.51 -35.36 -1.50
N VAL D 104 -30.58 -34.59 -0.95
CA VAL D 104 -30.16 -34.68 0.48
C VAL D 104 -31.32 -34.30 1.42
N ASN D 105 -31.24 -34.79 2.65
CA ASN D 105 -32.20 -34.46 3.73
C ASN D 105 -31.74 -33.23 4.50
N SER D 106 -30.44 -32.93 4.50
CA SER D 106 -29.85 -31.86 5.33
C SER D 106 -28.64 -31.25 4.63
N VAL D 107 -28.37 -29.98 4.94
CA VAL D 107 -27.24 -29.19 4.38
C VAL D 107 -26.73 -28.24 5.47
N ALA D 108 -25.40 -28.17 5.59
CA ALA D 108 -24.60 -27.25 6.41
C ALA D 108 -24.22 -26.06 5.52
N ILE D 109 -24.53 -24.83 5.94
N ILE D 109 -24.60 -24.85 5.92
CA ILE D 109 -24.38 -23.62 5.08
CA ILE D 109 -24.39 -23.59 5.13
C ILE D 109 -23.81 -22.47 5.92
C ILE D 109 -23.73 -22.53 5.98
N PRO D 110 -22.74 -21.79 5.43
CA PRO D 110 -22.22 -20.60 6.09
C PRO D 110 -22.87 -19.35 5.50
N LEU D 111 -22.68 -18.20 6.12
CA LEU D 111 -23.28 -16.95 5.58
C LEU D 111 -22.32 -16.37 4.55
N LEU D 112 -22.68 -16.51 3.28
CA LEU D 112 -21.83 -16.07 2.15
C LEU D 112 -21.57 -14.56 2.24
N SER D 113 -20.35 -14.16 1.92
CA SER D 113 -19.92 -12.75 1.72
C SER D 113 -19.94 -11.97 3.05
N THR D 114 -19.90 -12.64 4.21
CA THR D 114 -19.93 -11.96 5.54
C THR D 114 -18.56 -11.88 6.20
N GLY D 115 -17.53 -12.50 5.62
CA GLY D 115 -16.17 -12.47 6.13
C GLY D 115 -15.29 -11.53 5.32
N VAL D 116 -14.19 -12.05 4.79
CA VAL D 116 -13.24 -11.20 4.03
C VAL D 116 -13.87 -10.71 2.72
N TYR D 117 -15.05 -11.20 2.29
CA TYR D 117 -15.75 -10.67 1.08
C TYR D 117 -16.79 -9.61 1.48
N SER D 118 -16.82 -9.18 2.75
CA SER D 118 -17.87 -8.26 3.25
C SER D 118 -17.57 -6.80 2.88
N GLY D 119 -16.38 -6.48 2.40
CA GLY D 119 -16.01 -5.09 2.10
C GLY D 119 -15.97 -4.24 3.37
N GLY D 120 -15.75 -4.88 4.53
CA GLY D 120 -15.60 -4.25 5.86
C GLY D 120 -16.95 -3.87 6.49
N LYS D 121 -18.05 -4.38 5.95
CA LYS D 121 -19.43 -4.07 6.38
C LYS D 121 -20.05 -5.29 7.06
N ASP D 122 -20.95 -5.06 8.03
CA ASP D 122 -21.77 -6.11 8.68
C ASP D 122 -22.88 -6.52 7.72
N ARG D 123 -22.80 -7.73 7.16
CA ARG D 123 -23.79 -8.26 6.19
C ARG D 123 -24.56 -9.46 6.73
N LEU D 124 -24.64 -9.64 8.05
CA LEU D 124 -25.47 -10.72 8.65
C LEU D 124 -26.88 -10.70 8.06
N THR D 125 -27.64 -9.60 8.25
CA THR D 125 -29.07 -9.54 7.83
C THR D 125 -29.19 -9.76 6.32
N GLN D 126 -28.38 -9.08 5.54
CA GLN D 126 -28.39 -9.17 4.06
C GLN D 126 -28.18 -10.63 3.63
N SER D 127 -27.12 -11.23 4.14
CA SER D 127 -26.74 -12.61 3.71
C SER D 127 -27.80 -13.63 4.18
N LEU D 128 -28.25 -13.51 5.44
CA LEU D 128 -29.32 -14.40 5.95
C LEU D 128 -30.63 -14.23 5.16
N ASN D 129 -31.00 -13.02 4.71
CA ASN D 129 -32.26 -12.84 3.97
C ASN D 129 -32.18 -13.53 2.60
N HIS D 130 -31.05 -13.44 1.91
CA HIS D 130 -30.90 -14.17 0.61
C HIS D 130 -30.91 -15.69 0.85
N LEU D 131 -30.30 -16.15 1.95
CA LEU D 131 -30.28 -17.58 2.34
C LEU D 131 -31.73 -18.08 2.48
N PHE D 132 -32.54 -17.41 3.31
CA PHE D 132 -33.95 -17.85 3.53
C PHE D 132 -34.70 -17.83 2.20
N THR D 133 -34.56 -16.77 1.38
CA THR D 133 -35.34 -16.65 0.12
C THR D 133 -35.06 -17.87 -0.74
N ALA D 134 -33.80 -18.28 -0.84
CA ALA D 134 -33.42 -19.38 -1.76
C ALA D 134 -33.83 -20.71 -1.12
N MET D 135 -33.48 -20.90 0.14
CA MET D 135 -33.55 -22.24 0.77
C MET D 135 -35.01 -22.55 1.08
N ASP D 136 -35.89 -21.54 1.17
CA ASP D 136 -37.34 -21.79 1.43
C ASP D 136 -37.91 -22.66 0.31
N SER D 137 -37.28 -22.70 -0.87
CA SER D 137 -37.79 -23.43 -2.05
C SER D 137 -37.39 -24.91 -1.98
N THR D 138 -36.54 -25.31 -1.02
CA THR D 138 -36.14 -26.73 -0.82
C THR D 138 -36.93 -27.36 0.33
N ASP D 139 -36.82 -28.67 0.54
CA ASP D 139 -37.47 -29.27 1.74
C ASP D 139 -36.40 -29.86 2.67
N ALA D 140 -35.16 -29.38 2.61
CA ALA D 140 -34.05 -29.89 3.46
C ALA D 140 -34.05 -29.21 4.82
N ASP D 141 -33.57 -29.92 5.83
CA ASP D 141 -33.11 -29.34 7.11
C ASP D 141 -31.86 -28.51 6.81
N VAL D 142 -31.93 -27.22 7.10
CA VAL D 142 -30.80 -26.29 6.86
C VAL D 142 -30.19 -25.97 8.21
N VAL D 143 -28.90 -26.16 8.32
CA VAL D 143 -28.12 -25.81 9.53
C VAL D 143 -27.08 -24.76 9.15
N ILE D 144 -27.26 -23.56 9.69
CA ILE D 144 -26.38 -22.39 9.45
C ILE D 144 -25.24 -22.43 10.46
N TYR D 145 -23.99 -22.27 10.01
CA TYR D 145 -22.77 -22.32 10.85
C TYR D 145 -22.20 -20.90 10.98
N CYS D 146 -21.89 -20.47 12.20
CA CYS D 146 -21.19 -19.19 12.54
C CYS D 146 -20.19 -19.46 13.64
N ARG D 147 -19.31 -18.51 13.96
CA ARG D 147 -18.30 -18.63 15.04
C ARG D 147 -18.56 -17.61 16.16
N ASP D 148 -19.24 -16.51 15.85
CA ASP D 148 -19.46 -15.39 16.83
C ASP D 148 -20.74 -15.61 17.66
N LYS D 149 -20.68 -15.36 18.98
CA LYS D 149 -21.81 -15.58 19.93
C LYS D 149 -22.99 -14.64 19.64
N GLU D 150 -22.71 -13.35 19.44
CA GLU D 150 -23.77 -12.35 19.14
C GLU D 150 -24.39 -12.69 17.78
N TRP D 151 -23.57 -13.14 16.82
CA TRP D 151 -24.07 -13.60 15.50
C TRP D 151 -25.02 -14.78 15.67
N GLU D 152 -24.67 -15.77 16.52
CA GLU D 152 -25.55 -16.94 16.78
C GLU D 152 -26.91 -16.45 17.31
N LYS D 153 -26.89 -15.62 18.34
CA LYS D 153 -28.11 -15.04 18.96
C LYS D 153 -28.93 -14.37 17.85
N LYS D 154 -28.28 -13.50 17.07
CA LYS D 154 -28.98 -12.74 15.99
C LYS D 154 -29.56 -13.70 14.95
N ILE D 155 -28.81 -14.73 14.53
CA ILE D 155 -29.33 -15.69 13.52
C ILE D 155 -30.51 -16.47 14.13
N SER D 156 -30.40 -16.95 15.37
CA SER D 156 -31.49 -17.71 16.06
C SER D 156 -32.81 -16.92 16.03
N GLU D 157 -32.76 -15.61 16.33
CA GLU D 157 -33.96 -14.73 16.43
C GLU D 157 -34.67 -14.62 15.08
N ALA D 158 -33.93 -14.47 13.98
CA ALA D 158 -34.51 -14.36 12.61
C ALA D 158 -35.27 -15.65 12.27
N ILE D 159 -34.73 -16.81 12.67
CA ILE D 159 -35.38 -18.14 12.47
C ILE D 159 -36.68 -18.19 13.29
N GLN D 160 -36.63 -17.71 14.54
CA GLN D 160 -37.80 -17.66 15.46
C GLN D 160 -38.86 -16.70 14.89
N MET D 161 -38.47 -15.44 14.67
CA MET D 161 -39.37 -14.32 14.28
C MET D 161 -40.20 -14.69 13.04
N ARG D 162 -39.76 -15.65 12.23
CA ARG D 162 -40.44 -16.07 10.97
C ARG D 162 -41.17 -17.41 11.16
N THR D 163 -41.34 -17.88 12.41
CA THR D 163 -42.14 -19.08 12.76
C THR D 163 -43.56 -18.65 13.15
S DMS E . -1.53 5.06 7.41
O DMS E . -1.34 3.54 7.27
C1 DMS E . -0.16 5.67 8.27
C2 DMS E . -2.77 5.33 8.66
S DMS F . 5.83 0.20 24.64
O DMS F . 4.44 -0.39 24.47
C1 DMS F . 6.91 -1.18 24.84
C2 DMS F . 5.94 0.75 26.31
C TRS G . 13.08 -15.91 27.28
C1 TRS G . 14.18 -15.47 26.30
C2 TRS G . 11.80 -16.30 26.56
C3 TRS G . 13.58 -17.08 28.14
N TRS G . 12.76 -14.73 28.16
O1 TRS G . 15.35 -14.98 26.96
O2 TRS G . 11.90 -17.52 25.85
O3 TRS G . 12.76 -17.29 29.28
S DMS H . 7.21 -14.22 8.35
O DMS H . 8.47 -13.46 8.02
C1 DMS H . 6.16 -13.09 9.18
C2 DMS H . 7.59 -15.23 9.77
S DMS I . 24.98 9.00 11.69
O DMS I . 24.50 8.77 10.33
C1 DMS I . 25.20 10.75 11.86
C2 DMS I . 26.69 8.52 11.75
CL CL J . 11.05 1.42 25.91
CL CL K . 15.25 9.06 22.18
CL CL L . 9.34 13.19 12.34
N1 LRF M . 8.35 8.01 19.63
N3 LRF M . 9.96 7.06 16.34
C4 LRF M . 9.17 7.64 18.59
C5 LRF M . 10.93 7.28 17.19
C6 LRF M . 12.29 7.33 16.57
C7 LRF M . 10.56 7.57 18.53
C8 LRF M . 11.47 7.65 19.64
C1 LRF M . 6.97 8.39 19.38
C2 LRF M . 8.82 8.08 21.01
C3 LRF M . 9.32 9.46 21.40
O1 LRF M . 8.82 10.47 20.92
N2 LRF M . 10.33 9.49 22.26
S1 LRF M . 8.48 7.25 17.06
N4 LRF M . 12.24 7.70 20.49
S DMS N . 15.19 9.39 26.40
O DMS N . 15.52 10.84 26.12
C1 DMS N . 13.58 9.14 25.68
C2 DMS N . 14.71 9.32 28.11
S DMS O . -1.60 -4.18 2.19
O DMS O . -0.32 -3.40 1.95
C1 DMS O . -2.85 -3.02 2.69
C2 DMS O . -1.45 -4.98 3.75
S DMS P . 1.03 26.39 -0.23
O DMS P . 2.42 26.94 -0.23
C1 DMS P . 1.11 24.85 -1.09
C2 DMS P . 0.14 27.26 -1.49
S DMS Q . 3.49 27.48 5.17
O DMS Q . 4.60 26.93 6.02
C1 DMS Q . 4.27 28.65 4.09
C2 DMS Q . 2.76 28.66 6.27
CL CL R . 2.07 29.96 1.14
N1 LRF S . -1.33 21.28 -0.76
N1 LRF S . -1.83 21.49 -1.10
N3 LRF S . 1.22 19.80 -3.11
N3 LRF S . 1.02 19.82 -2.90
C4 LRF S . -0.46 20.97 -1.76
C4 LRF S . -0.81 21.10 -1.91
C5 LRF S . 0.76 20.88 -3.70
C5 LRF S . 0.77 20.92 -3.55
C6 LRF S . 1.31 21.14 -5.06
C6 LRF S . 1.63 21.16 -4.75
C7 LRF S . -0.21 21.63 -2.96
C7 LRF S . -0.29 21.74 -3.03
C8 LRF S . -0.77 22.89 -3.35
C8 LRF S . -0.71 23.01 -3.52
C1 LRF S . -1.99 20.25 0.03
C1 LRF S . -1.75 22.72 -0.34
C2 LRF S . -1.63 22.67 -0.41
C2 LRF S . -3.03 20.67 -0.94
C3 LRF S . -3.08 23.08 -0.55
C3 LRF S . -4.34 21.40 -1.18
O1 LRF S . -3.84 23.08 0.42
O1 LRF S . -5.42 20.83 -1.00
N2 LRF S . -3.47 23.47 -1.76
N2 LRF S . -4.26 22.66 -1.59
S1 LRF S . 0.51 19.57 -1.62
S1 LRF S . 0.00 19.63 -1.58
N4 LRF S . -1.25 23.90 -3.60
N4 LRF S . -1.10 24.04 -3.85
S DMS T . 6.29 -2.54 -16.32
O DMS T . 4.95 -2.18 -15.73
C1 DMS T . 6.00 -3.96 -17.36
C2 DMS T . 6.64 -1.36 -17.59
CL CL U . 9.69 -8.48 -17.90
CL CL V . -0.76 11.59 -7.27
CL CL W . 6.90 0.50 -14.23
S DMS X . -2.31 1.57 -34.42
O DMS X . -3.19 2.19 -33.34
C1 DMS X . -1.51 0.18 -33.74
C2 DMS X . -0.87 2.63 -34.57
S DMS Y . 5.85 4.61 -16.45
O DMS Y . 4.55 4.26 -15.75
C1 DMS Y . 5.41 5.73 -17.74
C2 DMS Y . 6.27 3.19 -17.43
S DMS Z . 12.52 -6.03 -15.65
O DMS Z . 13.36 -7.23 -16.02
C1 DMS Z . 11.98 -5.30 -17.17
C2 DMS Z . 13.67 -4.76 -15.17
S DMS AA . -17.69 -16.20 5.92
O DMS AA . -16.25 -16.54 6.23
C1 DMS AA . -18.68 -17.14 7.06
C2 DMS AA . -18.10 -17.09 4.45
C TRS BA . -22.98 -14.57 -13.59
C1 TRS BA . -22.70 -13.92 -14.94
C2 TRS BA . -24.39 -14.19 -13.12
C3 TRS BA . -22.84 -16.10 -13.64
N TRS BA . -21.98 -14.01 -12.61
O1 TRS BA . -22.59 -12.51 -14.82
O2 TRS BA . -24.69 -14.71 -11.83
O3 TRS BA . -22.03 -16.56 -14.71
S DMS CA . -8.69 -34.56 7.91
O DMS CA . -9.69 -33.58 8.49
C1 DMS CA . -7.20 -33.64 7.62
C2 DMS CA . -9.15 -34.91 6.22
S DMS DA . -12.59 -16.46 0.75
O DMS DA . -11.81 -17.68 0.32
C1 DMS DA . -12.77 -16.47 2.51
C2 DMS DA . -14.30 -16.67 0.28
CL CL EA . -19.64 -15.53 12.61
CL CL FA . -16.65 -14.27 2.99
#